data_4LO2
#
_entry.id   4LO2
#
_cell.length_a   106.490
_cell.length_b   119.153
_cell.length_c   163.071
_cell.angle_alpha   90.00
_cell.angle_beta   90.00
_cell.angle_gamma   90.00
#
_symmetry.space_group_name_H-M   'C 2 2 21'
#
loop_
_entity.id
_entity.type
_entity.pdbx_description
1 polymer HA-33
2 polymer HA-17
3 branched beta-D-galactopyranose-(1-4)-beta-D-glucopyranose
4 water water
#
loop_
_entity_poly.entity_id
_entity_poly.type
_entity_poly.pdbx_seq_one_letter_code
_entity_poly.pdbx_strand_id
1 'polypeptide(L)'
;EHYSVIQNSLNDKIVTISCKADTNLFFYQVAGNVSLFQQTRNYLERWRLIYDSNKAAYKIKSMDIHNTNLVLTWNAPTHN
ISTQQDSNADNQYWLLLKDIGNNSFIIASYKNPNLVLYADTVARNLKLSTLNNSNYIKFIIEDYIISDLNNFTCKISPIL
DLNKVVQQVDVTNLNVNLYTWDYGRNQKWTIRYNEEKAAYQFFNTILSNGVLTWIFSNGNTVRVSSSNDQNNDAQYWLIN
PVSDTDETYTITNLRDTTKALDLYGGQTANGTAIQVFNYHGDDNQKWNIRNPPGSA
;
A,B
2 'polypeptide(L)'
;GPSVERTFLPNGNYNIKSIFSGSLYLNPVSKSLTFSNESSANNQKWNVEYMAENRCFKISNVAEPNKYLSYDNFGFISLD
SLSNRCYWFPIKIAVNTYIMLSLNKVNELDYAWDIYDTNENILSQPLLLLPNFDIYNSNQMFKLEKI
;
C
#
loop_
_chem_comp.id
_chem_comp.type
_chem_comp.name
_chem_comp.formula
BGC D-saccharide, beta linking beta-D-glucopyranose 'C6 H12 O6'
GAL D-saccharide, beta linking beta-D-galactopyranose 'C6 H12 O6'
#
# COMPACT_ATOMS: atom_id res chain seq x y z
N ASN A 8 -6.71 3.65 -9.79
CA ASN A 8 -7.05 3.14 -11.11
C ASN A 8 -6.86 1.64 -11.25
N SER A 9 -6.70 0.94 -10.12
CA SER A 9 -6.71 -0.52 -10.09
C SER A 9 -7.83 -0.99 -9.17
N LEU A 10 -8.33 -0.07 -8.36
CA LEU A 10 -9.49 -0.35 -7.53
C LEU A 10 -10.72 0.31 -8.13
N ASN A 11 -10.53 1.11 -9.17
CA ASN A 11 -11.67 1.84 -9.75
C ASN A 11 -12.76 0.91 -10.24
N ASP A 12 -13.98 1.19 -9.81
CA ASP A 12 -15.16 0.43 -10.22
C ASP A 12 -15.21 -0.98 -9.64
N LYS A 13 -14.25 -1.34 -8.79
CA LYS A 13 -14.27 -2.67 -8.18
C LYS A 13 -15.37 -2.75 -7.15
N ILE A 14 -16.04 -3.90 -7.10
CA ILE A 14 -17.02 -4.16 -6.06
C ILE A 14 -16.40 -5.01 -4.96
N VAL A 15 -16.48 -4.51 -3.72
CA VAL A 15 -15.74 -5.10 -2.61
C VAL A 15 -16.63 -5.29 -1.39
N THR A 16 -16.17 -6.12 -0.46
CA THR A 16 -16.63 -6.04 0.92
C THR A 16 -15.51 -5.39 1.73
N ILE A 17 -15.90 -4.80 2.86
CA ILE A 17 -14.96 -4.15 3.76
C ILE A 17 -15.24 -4.69 5.15
N SER A 18 -14.24 -5.30 5.76
CA SER A 18 -14.41 -5.82 7.11
C SER A 18 -13.31 -5.30 8.03
N CYS A 19 -13.43 -5.58 9.32
CA CYS A 19 -12.55 -4.98 10.32
C CYS A 19 -11.34 -5.84 10.61
N LYS A 20 -10.17 -5.22 10.65
CA LYS A 20 -8.97 -5.95 11.02
C LYS A 20 -9.09 -6.33 12.49
N ALA A 21 -9.81 -5.52 13.26
CA ALA A 21 -9.99 -5.78 14.68
C ALA A 21 -10.95 -6.94 14.95
N ASP A 22 -11.95 -7.10 14.09
CA ASP A 22 -12.88 -8.24 14.17
C ASP A 22 -13.26 -8.65 12.75
N THR A 23 -12.56 -9.64 12.22
CA THR A 23 -12.71 -9.98 10.82
C THR A 23 -14.06 -10.61 10.51
N ASN A 24 -14.83 -10.88 11.56
CA ASN A 24 -16.19 -11.37 11.33
C ASN A 24 -17.21 -10.23 11.15
N LEU A 25 -16.76 -8.98 11.24
CA LEU A 25 -17.66 -7.82 11.06
C LEU A 25 -17.40 -7.04 9.77
N PHE A 26 -18.47 -6.79 9.03
CA PHE A 26 -18.43 -6.19 7.69
C PHE A 26 -19.22 -4.89 7.68
N PHE A 27 -18.83 -3.93 6.83
CA PHE A 27 -19.63 -2.71 6.64
C PHE A 27 -20.97 -3.10 6.00
N TYR A 28 -22.06 -2.71 6.64
CA TYR A 28 -23.40 -3.14 6.28
C TYR A 28 -24.24 -1.88 6.10
N GLN A 29 -24.99 -1.82 5.02
CA GLN A 29 -25.75 -0.63 4.68
C GLN A 29 -27.24 -0.95 4.53
N VAL A 30 -28.07 -0.15 5.19
CA VAL A 30 -29.50 -0.14 4.88
C VAL A 30 -30.16 1.19 5.25
N ALA A 31 -30.82 1.80 4.27
CA ALA A 31 -31.65 2.99 4.47
C ALA A 31 -30.90 4.19 5.04
N GLY A 32 -29.63 4.35 4.66
CA GLY A 32 -28.86 5.52 5.06
C GLY A 32 -27.97 5.24 6.25
N ASN A 33 -28.16 4.08 6.85
CA ASN A 33 -27.37 3.72 8.01
C ASN A 33 -26.29 2.71 7.70
N VAL A 34 -25.10 2.98 8.23
CA VAL A 34 -23.98 2.07 8.12
C VAL A 34 -23.71 1.47 9.49
N SER A 35 -23.57 0.16 9.55
CA SER A 35 -23.23 -0.51 10.80
C SER A 35 -22.22 -1.60 10.52
N LEU A 36 -21.81 -2.30 11.57
CA LEU A 36 -20.94 -3.46 11.42
C LEU A 36 -21.78 -4.70 11.71
N PHE A 37 -21.72 -5.68 10.80
CA PHE A 37 -22.59 -6.84 10.91
C PHE A 37 -21.87 -8.12 10.42
N GLN A 38 -22.31 -9.28 10.90
CA GLN A 38 -21.75 -10.56 10.46
C GLN A 38 -21.86 -10.71 8.94
N GLN A 39 -21.09 -11.61 8.37
CA GLN A 39 -21.09 -11.83 6.93
C GLN A 39 -22.46 -12.28 6.41
N THR A 40 -22.92 -11.64 5.34
CA THR A 40 -24.22 -11.95 4.76
C THR A 40 -24.09 -12.41 3.31
N ARG A 41 -22.93 -12.17 2.71
CA ARG A 41 -22.68 -12.54 1.33
C ARG A 41 -23.78 -12.01 0.42
N ASN A 42 -24.13 -10.74 0.56
CA ASN A 42 -25.10 -10.16 -0.35
C ASN A 42 -24.86 -8.68 -0.51
N TYR A 43 -25.76 -8.03 -1.25
CA TYR A 43 -25.52 -6.65 -1.65
C TYR A 43 -25.47 -5.67 -0.47
N LEU A 44 -26.07 -6.06 0.67
CA LEU A 44 -26.08 -5.22 1.86
C LEU A 44 -24.66 -4.94 2.36
N GLU A 45 -23.73 -5.84 2.02
CA GLU A 45 -22.33 -5.68 2.41
C GLU A 45 -21.40 -5.42 1.24
N ARG A 46 -21.95 -4.92 0.14
CA ARG A 46 -21.14 -4.71 -1.05
C ARG A 46 -21.07 -3.25 -1.41
N TRP A 47 -19.89 -2.85 -1.90
CA TRP A 47 -19.60 -1.45 -2.14
C TRP A 47 -18.79 -1.35 -3.41
N ARG A 48 -19.11 -0.36 -4.23
CA ARG A 48 -18.32 -0.03 -5.40
C ARG A 48 -17.36 1.10 -5.10
N LEU A 49 -16.08 0.90 -5.39
CA LEU A 49 -15.08 1.96 -5.24
C LEU A 49 -15.01 2.78 -6.51
N ILE A 50 -15.23 4.07 -6.41
CA ILE A 50 -15.24 4.93 -7.59
C ILE A 50 -14.13 6.00 -7.51
N TYR A 51 -13.14 5.87 -8.39
CA TYR A 51 -11.95 6.70 -8.37
C TYR A 51 -12.16 8.06 -9.04
N ASP A 52 -11.71 9.13 -8.38
CA ASP A 52 -11.59 10.44 -9.02
C ASP A 52 -10.11 10.75 -9.13
N SER A 53 -9.60 10.80 -10.36
CA SER A 53 -8.16 11.01 -10.58
C SER A 53 -7.66 12.40 -10.16
N ASN A 54 -8.52 13.41 -10.25
CA ASN A 54 -8.14 14.76 -9.85
C ASN A 54 -7.96 14.92 -8.34
N LYS A 55 -8.83 14.26 -7.57
CA LYS A 55 -8.74 14.32 -6.11
C LYS A 55 -7.81 13.22 -5.61
N ALA A 56 -7.58 12.22 -6.48
CA ALA A 56 -6.88 11.01 -6.08
C ALA A 56 -7.56 10.38 -4.86
N ALA A 57 -8.87 10.23 -4.95
CA ALA A 57 -9.63 9.73 -3.82
C ALA A 57 -10.80 8.95 -4.35
N TYR A 58 -11.50 8.24 -3.47
CA TYR A 58 -12.54 7.30 -3.88
C TYR A 58 -13.84 7.63 -3.22
N LYS A 59 -14.94 7.46 -3.96
CA LYS A 59 -16.25 7.36 -3.34
C LYS A 59 -16.49 5.89 -3.04
N ILE A 60 -17.22 5.65 -1.96
CA ILE A 60 -17.53 4.29 -1.57
C ILE A 60 -19.05 4.15 -1.63
N LYS A 61 -19.51 3.57 -2.73
CA LYS A 61 -20.94 3.58 -3.05
C LYS A 61 -21.62 2.25 -2.68
N SER A 62 -22.74 2.32 -1.98
CA SER A 62 -23.48 1.12 -1.62
C SER A 62 -24.15 0.44 -2.83
N MET A 63 -24.04 -0.88 -2.89
CA MET A 63 -24.72 -1.69 -3.90
C MET A 63 -26.16 -2.02 -3.50
N ASP A 64 -26.73 -1.23 -2.59
CA ASP A 64 -28.15 -1.36 -2.27
C ASP A 64 -29.00 -1.37 -3.53
N ILE A 65 -29.99 -2.25 -3.58
CA ILE A 65 -30.76 -2.45 -4.79
C ILE A 65 -31.96 -1.50 -4.91
N HIS A 66 -32.35 -0.91 -3.78
CA HIS A 66 -33.49 0.01 -3.76
C HIS A 66 -33.07 1.48 -3.92
N ASN A 67 -32.18 1.96 -3.05
CA ASN A 67 -31.57 3.28 -3.25
C ASN A 67 -30.20 3.08 -3.88
N THR A 68 -30.06 3.46 -5.13
CA THR A 68 -28.86 3.13 -5.91
C THR A 68 -27.77 4.22 -5.89
N ASN A 69 -28.08 5.36 -5.29
CA ASN A 69 -27.17 6.50 -5.31
C ASN A 69 -26.60 6.87 -3.93
N LEU A 70 -26.42 5.89 -3.06
CA LEU A 70 -25.94 6.14 -1.71
C LEU A 70 -24.43 5.90 -1.56
N VAL A 71 -23.74 6.88 -0.96
CA VAL A 71 -22.30 6.80 -0.77
C VAL A 71 -21.90 7.11 0.69
N LEU A 72 -20.79 6.49 1.12
CA LEU A 72 -20.28 6.68 2.46
C LEU A 72 -19.95 8.16 2.66
N THR A 73 -20.45 8.72 3.75
CA THR A 73 -20.49 10.17 3.93
C THR A 73 -20.13 10.48 5.36
N TRP A 74 -19.18 11.39 5.52
CA TRP A 74 -18.83 11.88 6.85
C TRP A 74 -19.74 13.04 7.21
N ASN A 75 -20.45 12.91 8.33
CA ASN A 75 -21.38 13.96 8.77
C ASN A 75 -20.73 15.09 9.60
N ALA A 76 -19.81 15.81 8.97
CA ALA A 76 -19.15 16.95 9.60
C ALA A 76 -20.20 17.95 10.03
N PRO A 77 -20.01 18.59 11.20
CA PRO A 77 -18.79 18.55 12.03
C PRO A 77 -18.75 17.43 13.09
N THR A 78 -19.72 16.53 13.13
CA THR A 78 -19.65 15.43 14.11
C THR A 78 -18.62 14.39 13.66
N HIS A 79 -18.44 13.34 14.46
CA HIS A 79 -17.56 12.26 14.02
C HIS A 79 -18.35 11.09 13.41
N ASN A 80 -19.65 11.31 13.17
CA ASN A 80 -20.52 10.26 12.64
C ASN A 80 -20.41 10.00 11.13
N ILE A 81 -20.72 8.75 10.76
CA ILE A 81 -20.65 8.29 9.38
C ILE A 81 -22.06 7.82 8.98
N SER A 82 -22.47 8.09 7.74
CA SER A 82 -23.72 7.55 7.23
C SER A 82 -23.59 7.33 5.74
N THR A 83 -24.69 6.97 5.08
CA THR A 83 -24.70 6.96 3.61
C THR A 83 -25.71 7.99 3.14
N GLN A 84 -25.34 8.78 2.15
CA GLN A 84 -26.23 9.84 1.68
C GLN A 84 -26.21 9.87 0.16
N GLN A 85 -27.21 10.51 -0.43
CA GLN A 85 -27.21 10.71 -1.88
C GLN A 85 -25.88 11.28 -2.32
N ASP A 86 -25.33 10.70 -3.37
CA ASP A 86 -24.08 11.14 -3.95
C ASP A 86 -24.23 12.52 -4.57
N SER A 87 -23.50 13.49 -4.03
CA SER A 87 -23.46 14.83 -4.60
C SER A 87 -22.01 15.20 -4.94
N ASN A 88 -21.13 14.19 -4.95
CA ASN A 88 -19.71 14.40 -5.19
C ASN A 88 -19.04 15.39 -4.21
N ALA A 89 -19.53 15.46 -2.98
CA ALA A 89 -19.00 16.37 -2.00
C ALA A 89 -17.67 15.84 -1.43
N ASP A 90 -16.84 16.74 -0.93
CA ASP A 90 -15.55 16.33 -0.35
C ASP A 90 -15.70 15.40 0.83
N ASN A 91 -16.77 15.55 1.60
CA ASN A 91 -16.99 14.63 2.74
C ASN A 91 -17.56 13.26 2.30
N GLN A 92 -17.64 13.05 0.98
CA GLN A 92 -17.99 11.75 0.43
C GLN A 92 -16.81 11.06 -0.28
N TYR A 93 -15.63 11.65 -0.16
CA TYR A 93 -14.41 11.09 -0.76
C TYR A 93 -13.45 10.60 0.30
N TRP A 94 -12.67 9.58 -0.03
CA TRP A 94 -11.86 8.87 0.95
C TRP A 94 -10.55 8.46 0.30
N LEU A 95 -9.48 8.51 1.08
CA LEU A 95 -8.17 8.07 0.63
C LEU A 95 -8.00 6.65 1.10
N LEU A 96 -7.61 5.76 0.19
CA LEU A 96 -7.42 4.37 0.56
C LEU A 96 -5.93 4.16 0.68
N LEU A 97 -5.45 4.06 1.92
CA LEU A 97 -4.04 3.95 2.17
C LEU A 97 -3.74 2.53 2.61
N LYS A 98 -2.99 1.82 1.79
CA LYS A 98 -2.71 0.42 2.07
C LYS A 98 -1.49 0.30 2.96
N ASP A 99 -1.69 -0.32 4.13
CA ASP A 99 -0.58 -0.58 5.05
C ASP A 99 0.14 -1.81 4.57
N ILE A 100 1.23 -1.62 3.83
CA ILE A 100 1.96 -2.72 3.22
C ILE A 100 2.56 -3.63 4.27
N GLY A 101 2.50 -4.93 4.01
CA GLY A 101 2.99 -5.90 4.97
C GLY A 101 1.96 -6.30 6.01
N ASN A 102 0.84 -5.58 6.04
CA ASN A 102 -0.22 -5.84 7.00
C ASN A 102 -1.49 -6.22 6.26
N ASN A 103 -1.48 -6.03 4.94
CA ASN A 103 -2.60 -6.36 4.07
C ASN A 103 -3.92 -5.73 4.56
N SER A 104 -3.87 -4.47 4.93
CA SER A 104 -5.03 -3.80 5.47
C SER A 104 -4.99 -2.34 5.04
N PHE A 105 -6.13 -1.68 5.14
CA PHE A 105 -6.23 -0.29 4.70
C PHE A 105 -6.59 0.61 5.84
N ILE A 106 -5.96 1.79 5.87
CA ILE A 106 -6.50 2.91 6.61
C ILE A 106 -7.33 3.71 5.61
N ILE A 107 -8.51 4.14 6.03
CA ILE A 107 -9.42 4.86 5.13
C ILE A 107 -9.59 6.28 5.67
N ALA A 108 -8.95 7.24 5.00
CA ALA A 108 -8.92 8.60 5.57
C ALA A 108 -9.90 9.50 4.86
N SER A 109 -10.51 10.43 5.59
CA SER A 109 -11.37 11.41 4.94
C SER A 109 -10.59 12.29 3.98
N TYR A 110 -11.07 12.44 2.76
CA TYR A 110 -10.44 13.37 1.82
C TYR A 110 -10.66 14.83 2.25
N LYS A 111 -11.83 15.10 2.80
CA LYS A 111 -12.18 16.42 3.31
C LYS A 111 -11.19 16.84 4.41
N ASN A 112 -10.96 15.94 5.35
CA ASN A 112 -10.01 16.20 6.42
C ASN A 112 -9.20 14.94 6.76
N PRO A 113 -8.03 14.79 6.13
CA PRO A 113 -7.20 13.59 6.26
C PRO A 113 -6.59 13.43 7.65
N ASN A 114 -6.69 14.42 8.53
CA ASN A 114 -6.41 14.19 9.96
C ASN A 114 -7.29 13.06 10.50
N LEU A 115 -8.46 12.86 9.89
CA LEU A 115 -9.45 11.91 10.41
C LEU A 115 -9.59 10.65 9.54
N VAL A 116 -9.70 9.50 10.19
CA VAL A 116 -9.82 8.22 9.51
C VAL A 116 -10.97 7.40 10.12
N LEU A 117 -11.48 6.44 9.36
CA LEU A 117 -12.55 5.56 9.84
C LEU A 117 -12.06 4.71 10.99
N TYR A 118 -12.95 4.51 11.96
CA TYR A 118 -12.62 3.81 13.18
C TYR A 118 -13.79 2.90 13.48
N ALA A 119 -13.48 1.63 13.75
CA ALA A 119 -14.54 0.63 13.97
C ALA A 119 -14.80 0.44 15.46
N ASP A 120 -16.01 0.79 15.88
CA ASP A 120 -16.42 0.55 17.25
C ASP A 120 -17.07 -0.84 17.28
N THR A 121 -16.29 -1.85 17.64
CA THR A 121 -16.78 -3.21 17.53
C THR A 121 -17.83 -3.56 18.57
N VAL A 122 -17.97 -2.70 19.59
CA VAL A 122 -18.94 -2.98 20.64
C VAL A 122 -20.29 -2.31 20.36
N ALA A 123 -20.26 -1.09 19.82
CA ALA A 123 -21.47 -0.43 19.35
C ALA A 123 -21.85 -0.93 17.94
N ARG A 124 -20.92 -1.63 17.29
CA ARG A 124 -21.12 -2.12 15.93
C ARG A 124 -21.43 -1.01 14.94
N ASN A 125 -20.68 0.08 15.02
CA ASN A 125 -20.73 1.10 13.99
C ASN A 125 -19.37 1.76 13.75
N LEU A 126 -19.38 2.81 12.95
CA LEU A 126 -18.17 3.45 12.47
C LEU A 126 -18.21 4.88 12.90
N LYS A 127 -17.04 5.44 13.19
CA LYS A 127 -16.94 6.86 13.46
C LYS A 127 -15.63 7.36 12.87
N LEU A 128 -15.39 8.67 12.91
CA LEU A 128 -14.11 9.19 12.50
C LEU A 128 -13.26 9.37 13.74
N SER A 129 -11.96 9.18 13.59
CA SER A 129 -11.03 9.31 14.71
C SER A 129 -9.67 9.81 14.19
N THR A 130 -8.85 10.36 15.07
CA THR A 130 -7.45 10.58 14.72
C THR A 130 -6.72 9.24 14.74
N LEU A 131 -5.49 9.22 14.25
CA LEU A 131 -4.77 7.96 14.05
C LEU A 131 -4.14 7.41 15.32
N ASN A 132 -3.94 6.11 15.32
CA ASN A 132 -3.22 5.43 16.40
C ASN A 132 -2.68 4.15 15.78
N ASN A 133 -2.09 3.28 16.59
CA ASN A 133 -1.52 2.05 16.09
C ASN A 133 -2.37 0.82 16.32
N SER A 134 -3.66 1.00 16.59
CA SER A 134 -4.53 -0.16 16.80
C SER A 134 -5.14 -0.66 15.50
N ASN A 135 -5.70 -1.85 15.57
CA ASN A 135 -6.39 -2.44 14.44
C ASN A 135 -7.79 -1.87 14.22
N TYR A 136 -8.26 -0.99 15.10
CA TYR A 136 -9.60 -0.43 14.96
C TYR A 136 -9.72 0.55 13.79
N ILE A 137 -8.58 1.00 13.28
CA ILE A 137 -8.56 1.91 12.13
C ILE A 137 -8.07 1.19 10.86
N LYS A 138 -7.96 -0.13 10.93
CA LYS A 138 -7.51 -0.91 9.79
C LYS A 138 -8.63 -1.81 9.28
N PHE A 139 -8.72 -1.88 7.97
CA PHE A 139 -9.82 -2.56 7.30
C PHE A 139 -9.28 -3.45 6.19
N ILE A 140 -9.97 -4.56 6.00
CA ILE A 140 -9.69 -5.51 4.94
C ILE A 140 -10.66 -5.23 3.80
N ILE A 141 -10.11 -4.88 2.65
CA ILE A 141 -10.95 -4.56 1.51
C ILE A 141 -10.71 -5.67 0.50
N GLU A 142 -11.79 -6.37 0.15
CA GLU A 142 -11.62 -7.57 -0.67
C GLU A 142 -12.65 -7.63 -1.78
N ASP A 143 -12.22 -8.09 -2.95
CA ASP A 143 -13.14 -8.40 -4.05
C ASP A 143 -14.29 -9.26 -3.53
N TYR A 144 -15.51 -8.87 -3.86
CA TYR A 144 -16.66 -9.50 -3.21
C TYR A 144 -16.83 -10.99 -3.48
N ILE A 145 -16.43 -11.43 -4.67
CA ILE A 145 -16.47 -12.86 -5.01
C ILE A 145 -15.52 -13.65 -4.11
N ILE A 146 -14.30 -13.15 -3.98
CA ILE A 146 -13.29 -13.80 -3.15
C ILE A 146 -13.79 -13.87 -1.70
N SER A 147 -14.29 -12.74 -1.23
CA SER A 147 -14.85 -12.61 0.10
C SER A 147 -16.00 -13.60 0.37
N ASP A 148 -16.94 -13.70 -0.58
CA ASP A 148 -18.06 -14.64 -0.43
C ASP A 148 -17.64 -16.10 -0.53
N LEU A 149 -16.64 -16.40 -1.36
CA LEU A 149 -16.33 -17.81 -1.64
C LEU A 149 -15.27 -18.37 -0.72
N ASN A 150 -14.41 -17.51 -0.18
CA ASN A 150 -13.26 -17.99 0.59
C ASN A 150 -13.70 -18.61 1.91
N ASN A 151 -13.30 -19.86 2.13
CA ASN A 151 -13.69 -20.62 3.33
C ASN A 151 -15.16 -20.94 3.33
N PHE A 152 -15.74 -21.04 2.14
CA PHE A 152 -17.21 -21.23 2.04
C PHE A 152 -17.50 -22.70 1.80
N THR A 153 -18.32 -23.30 2.66
CA THR A 153 -18.68 -24.71 2.47
C THR A 153 -19.95 -24.79 1.64
N CYS A 154 -19.88 -25.43 0.49
CA CYS A 154 -20.99 -25.37 -0.44
C CYS A 154 -21.30 -26.71 -1.06
N LYS A 155 -22.43 -26.75 -1.78
CA LYS A 155 -22.64 -27.81 -2.75
C LYS A 155 -22.61 -27.17 -4.12
N ILE A 156 -22.19 -27.96 -5.11
CA ILE A 156 -22.03 -27.51 -6.48
C ILE A 156 -22.92 -28.33 -7.41
N SER A 157 -23.76 -27.64 -8.17
CA SER A 157 -24.73 -28.29 -9.04
C SER A 157 -24.61 -27.80 -10.48
N PRO A 158 -24.79 -28.71 -11.44
CA PRO A 158 -24.90 -28.22 -12.82
C PRO A 158 -26.23 -27.47 -12.95
N ILE A 159 -26.27 -26.41 -13.74
CA ILE A 159 -27.52 -25.68 -13.91
C ILE A 159 -28.51 -26.46 -14.78
N LEU A 160 -28.05 -27.56 -15.38
CA LEU A 160 -28.94 -28.46 -16.13
C LEU A 160 -29.80 -29.34 -15.21
N ASP A 161 -29.34 -29.53 -13.97
CA ASP A 161 -30.14 -30.19 -12.94
C ASP A 161 -29.73 -29.77 -11.53
N LEU A 162 -30.46 -28.78 -11.00
CA LEU A 162 -30.14 -28.21 -9.70
C LEU A 162 -30.49 -29.15 -8.53
N ASN A 163 -31.05 -30.31 -8.83
CA ASN A 163 -31.31 -31.34 -7.81
C ASN A 163 -30.14 -32.30 -7.63
N LYS A 164 -29.17 -32.23 -8.54
CA LYS A 164 -28.00 -33.09 -8.47
C LYS A 164 -26.77 -32.25 -8.15
N VAL A 165 -25.73 -32.92 -7.65
CA VAL A 165 -24.50 -32.25 -7.23
C VAL A 165 -23.26 -33.04 -7.64
N VAL A 166 -22.15 -32.32 -7.65
CA VAL A 166 -20.84 -32.91 -7.85
C VAL A 166 -20.38 -33.55 -6.56
N GLN A 167 -19.99 -34.81 -6.61
CA GLN A 167 -19.55 -35.52 -5.42
C GLN A 167 -18.33 -36.38 -5.66
N GLN A 168 -17.54 -36.57 -4.60
CA GLN A 168 -16.60 -37.66 -4.53
C GLN A 168 -17.40 -38.93 -4.17
N VAL A 169 -17.07 -40.06 -4.79
CA VAL A 169 -17.85 -41.28 -4.60
C VAL A 169 -17.91 -41.74 -3.15
N ASP A 170 -16.75 -41.84 -2.50
CA ASP A 170 -16.68 -42.01 -1.05
C ASP A 170 -15.24 -41.86 -0.59
N VAL A 171 -15.00 -42.02 0.71
CA VAL A 171 -13.71 -41.73 1.32
C VAL A 171 -12.51 -42.40 0.64
N THR A 172 -12.72 -43.56 0.04
CA THR A 172 -11.65 -44.32 -0.60
C THR A 172 -11.73 -44.34 -2.12
N ASN A 173 -12.92 -44.14 -2.67
CA ASN A 173 -13.09 -43.97 -4.11
C ASN A 173 -13.05 -42.48 -4.43
N LEU A 174 -11.90 -42.03 -4.95
CA LEU A 174 -11.65 -40.60 -5.12
C LEU A 174 -12.22 -40.03 -6.42
N ASN A 175 -12.92 -40.87 -7.18
CA ASN A 175 -13.60 -40.42 -8.39
C ASN A 175 -14.66 -39.36 -8.11
N VAL A 176 -14.96 -38.56 -9.12
CA VAL A 176 -15.91 -37.47 -8.98
C VAL A 176 -17.02 -37.59 -10.01
N ASN A 177 -18.26 -37.74 -9.54
CA ASN A 177 -19.38 -37.84 -10.47
C ASN A 177 -20.59 -37.02 -10.04
N LEU A 178 -21.66 -37.11 -10.82
CA LEU A 178 -22.89 -36.38 -10.53
C LEU A 178 -23.86 -37.30 -9.83
N TYR A 179 -24.46 -36.84 -8.73
CA TYR A 179 -25.43 -37.66 -8.03
C TYR A 179 -26.51 -36.82 -7.37
N THR A 180 -27.67 -37.42 -7.10
CA THR A 180 -28.71 -36.70 -6.37
C THR A 180 -28.18 -36.27 -5.01
N TRP A 181 -28.59 -35.08 -4.59
CA TRP A 181 -28.18 -34.51 -3.32
C TRP A 181 -28.78 -35.31 -2.16
N ASP A 182 -27.94 -35.79 -1.26
CA ASP A 182 -28.41 -36.53 -0.08
C ASP A 182 -27.80 -36.04 1.24
N TYR A 183 -27.24 -34.83 1.21
CA TYR A 183 -26.68 -34.16 2.40
C TYR A 183 -25.41 -34.83 2.97
N GLY A 184 -24.80 -35.74 2.22
CA GLY A 184 -23.59 -36.40 2.68
C GLY A 184 -22.37 -35.49 2.58
N ARG A 185 -21.38 -35.73 3.43
CA ARG A 185 -20.18 -34.89 3.45
C ARG A 185 -19.33 -35.03 2.17
N ASN A 186 -19.47 -36.15 1.47
CA ASN A 186 -18.81 -36.33 0.18
C ASN A 186 -19.42 -35.46 -0.91
N GLN A 187 -20.55 -34.83 -0.60
CA GLN A 187 -21.23 -33.96 -1.56
C GLN A 187 -21.03 -32.49 -1.24
N LYS A 188 -20.15 -32.19 -0.29
CA LYS A 188 -19.91 -30.81 0.13
C LYS A 188 -18.43 -30.44 -0.04
N TRP A 189 -18.19 -29.21 -0.45
CA TRP A 189 -16.84 -28.73 -0.71
C TRP A 189 -16.60 -27.40 0.00
N THR A 190 -15.45 -27.28 0.63
CA THR A 190 -15.02 -26.03 1.24
C THR A 190 -14.05 -25.36 0.28
N ILE A 191 -14.44 -24.18 -0.21
CA ILE A 191 -13.61 -23.41 -1.11
C ILE A 191 -12.65 -22.56 -0.30
N ARG A 192 -11.38 -22.64 -0.68
CA ARG A 192 -10.35 -21.80 -0.08
C ARG A 192 -9.55 -21.08 -1.15
N TYR A 193 -9.31 -19.79 -0.92
CA TYR A 193 -8.59 -18.99 -1.89
C TYR A 193 -7.09 -18.92 -1.55
N ASN A 194 -6.25 -19.13 -2.55
CA ASN A 194 -4.81 -18.99 -2.36
C ASN A 194 -4.33 -17.64 -2.90
N GLU A 195 -3.94 -16.74 -2.00
CA GLU A 195 -3.53 -15.39 -2.38
C GLU A 195 -2.32 -15.36 -3.32
N GLU A 196 -1.32 -16.21 -3.07
CA GLU A 196 -0.13 -16.25 -3.91
C GLU A 196 -0.46 -16.71 -5.33
N LYS A 197 -1.25 -17.77 -5.43
CA LYS A 197 -1.60 -18.34 -6.72
C LYS A 197 -2.73 -17.57 -7.40
N ALA A 198 -3.40 -16.71 -6.62
CA ALA A 198 -4.62 -16.03 -7.08
C ALA A 198 -5.58 -17.04 -7.71
N ALA A 199 -5.82 -18.14 -7.00
CA ALA A 199 -6.72 -19.18 -7.49
C ALA A 199 -7.29 -19.96 -6.31
N TYR A 200 -8.27 -20.82 -6.57
CA TYR A 200 -8.98 -21.49 -5.48
C TYR A 200 -8.74 -22.99 -5.48
N GLN A 201 -8.90 -23.59 -4.31
CA GLN A 201 -9.03 -25.04 -4.22
C GLN A 201 -10.39 -25.41 -3.65
N PHE A 202 -10.85 -26.59 -4.06
CA PHE A 202 -12.09 -27.18 -3.56
C PHE A 202 -11.75 -28.38 -2.70
N PHE A 203 -11.88 -28.24 -1.38
CA PHE A 203 -11.61 -29.36 -0.47
C PHE A 203 -12.90 -30.14 -0.22
N ASN A 204 -12.93 -31.42 -0.53
CA ASN A 204 -14.09 -32.23 -0.22
C ASN A 204 -14.20 -32.46 1.30
N THR A 205 -15.40 -32.32 1.87
CA THR A 205 -15.48 -32.35 3.33
C THR A 205 -15.48 -33.76 3.94
N ILE A 206 -15.42 -34.79 3.10
CA ILE A 206 -15.29 -36.16 3.61
C ILE A 206 -13.83 -36.47 3.95
N LEU A 207 -12.91 -35.64 3.46
CA LEU A 207 -11.48 -35.81 3.70
C LEU A 207 -10.89 -34.54 4.28
N SER A 208 -9.73 -34.66 4.93
CA SER A 208 -9.07 -33.48 5.50
C SER A 208 -8.27 -32.69 4.46
N ASN A 209 -7.52 -33.38 3.63
CA ASN A 209 -6.63 -32.72 2.68
C ASN A 209 -6.83 -33.15 1.22
N GLY A 210 -8.06 -33.42 0.84
CA GLY A 210 -8.36 -33.85 -0.52
C GLY A 210 -9.01 -32.75 -1.36
N VAL A 211 -8.38 -32.41 -2.46
CA VAL A 211 -8.87 -31.35 -3.33
C VAL A 211 -9.22 -31.84 -4.73
N LEU A 212 -10.18 -31.17 -5.34
CA LEU A 212 -10.60 -31.42 -6.70
C LEU A 212 -9.44 -31.10 -7.64
N THR A 213 -9.13 -32.04 -8.54
CA THR A 213 -7.89 -31.98 -9.31
C THR A 213 -8.09 -32.48 -10.75
N TRP A 214 -7.52 -31.75 -11.70
CA TRP A 214 -7.43 -32.22 -13.07
C TRP A 214 -6.26 -33.19 -13.21
N ILE A 215 -6.58 -34.46 -13.47
CA ILE A 215 -5.56 -35.48 -13.65
C ILE A 215 -5.04 -35.44 -15.09
N PHE A 216 -4.20 -34.46 -15.39
CA PHE A 216 -3.81 -34.19 -16.77
C PHE A 216 -3.02 -35.33 -17.43
N SER A 217 -2.38 -36.18 -16.63
CA SER A 217 -1.68 -37.34 -17.19
C SER A 217 -2.67 -38.42 -17.67
N ASN A 218 -3.97 -38.17 -17.47
CA ASN A 218 -5.01 -39.06 -17.95
C ASN A 218 -6.12 -38.30 -18.67
N GLY A 219 -5.75 -37.61 -19.75
CA GLY A 219 -6.73 -36.87 -20.54
C GLY A 219 -7.48 -35.79 -19.77
N ASN A 220 -8.81 -35.93 -19.73
CA ASN A 220 -9.70 -34.93 -19.15
C ASN A 220 -10.24 -35.29 -17.77
N THR A 221 -9.76 -36.39 -17.21
CA THR A 221 -10.25 -36.88 -15.94
C THR A 221 -10.05 -35.88 -14.80
N VAL A 222 -11.06 -35.74 -13.95
CA VAL A 222 -10.83 -35.05 -12.69
C VAL A 222 -11.19 -35.96 -11.52
N ARG A 223 -10.37 -35.89 -10.48
CA ARG A 223 -10.58 -36.68 -9.28
C ARG A 223 -10.17 -35.85 -8.08
N VAL A 224 -10.54 -36.29 -6.90
CA VAL A 224 -9.98 -35.74 -5.68
C VAL A 224 -8.60 -36.36 -5.47
N SER A 225 -7.62 -35.54 -5.09
CA SER A 225 -6.31 -36.05 -4.67
C SER A 225 -5.76 -35.21 -3.51
N SER A 226 -4.77 -35.73 -2.80
CA SER A 226 -4.20 -35.02 -1.64
C SER A 226 -3.59 -33.67 -2.03
N SER A 227 -3.80 -32.66 -1.18
CA SER A 227 -3.27 -31.32 -1.43
C SER A 227 -1.84 -31.19 -0.94
N ASN A 228 -1.25 -32.30 -0.51
CA ASN A 228 0.17 -32.33 -0.13
C ASN A 228 1.08 -32.54 -1.33
N ASP A 229 0.51 -32.38 -2.53
CA ASP A 229 1.27 -32.17 -3.75
C ASP A 229 1.40 -30.67 -3.91
N GLN A 230 2.48 -30.12 -3.37
CA GLN A 230 2.60 -28.68 -3.15
C GLN A 230 2.43 -27.79 -4.38
N ASN A 231 3.27 -28.00 -5.40
CA ASN A 231 3.22 -27.14 -6.58
C ASN A 231 2.59 -27.77 -7.81
N ASN A 232 1.35 -28.24 -7.65
CA ASN A 232 0.60 -28.76 -8.78
C ASN A 232 -0.55 -27.80 -9.12
N ASP A 233 -0.33 -26.98 -10.14
CA ASP A 233 -1.35 -26.05 -10.62
C ASP A 233 -2.68 -26.70 -11.03
N ALA A 234 -2.62 -27.99 -11.36
CA ALA A 234 -3.82 -28.74 -11.74
C ALA A 234 -4.84 -28.83 -10.60
N GLN A 235 -4.39 -28.51 -9.39
CA GLN A 235 -5.22 -28.59 -8.19
C GLN A 235 -5.92 -27.26 -7.89
N TYR A 236 -5.69 -26.26 -8.73
CA TYR A 236 -6.22 -24.93 -8.45
C TYR A 236 -7.12 -24.47 -9.57
N TRP A 237 -8.09 -23.61 -9.24
CA TRP A 237 -9.11 -23.22 -10.20
C TRP A 237 -9.48 -21.73 -10.12
N LEU A 238 -9.87 -21.18 -11.26
CA LEU A 238 -10.44 -19.85 -11.33
C LEU A 238 -11.95 -19.97 -11.32
N ILE A 239 -12.60 -19.15 -10.51
CA ILE A 239 -14.05 -19.19 -10.39
C ILE A 239 -14.59 -17.87 -10.90
N ASN A 240 -15.29 -17.93 -12.03
CA ASN A 240 -15.70 -16.75 -12.76
C ASN A 240 -17.22 -16.65 -12.77
N PRO A 241 -17.75 -15.55 -12.21
CA PRO A 241 -19.21 -15.41 -12.15
C PRO A 241 -19.81 -15.27 -13.54
N VAL A 242 -20.96 -15.89 -13.74
CA VAL A 242 -21.72 -15.70 -14.96
C VAL A 242 -22.63 -14.47 -14.82
N SER A 243 -22.62 -13.62 -15.83
CA SER A 243 -23.32 -12.34 -15.75
C SER A 243 -24.79 -12.43 -15.34
N ASP A 244 -25.21 -11.49 -14.49
CA ASP A 244 -26.60 -11.36 -14.06
C ASP A 244 -27.18 -12.53 -13.27
N THR A 245 -26.31 -13.37 -12.71
CA THR A 245 -26.76 -14.40 -11.78
C THR A 245 -26.03 -14.22 -10.44
N ASP A 246 -26.62 -14.74 -9.37
CA ASP A 246 -26.07 -14.62 -8.02
C ASP A 246 -25.21 -15.82 -7.62
N GLU A 247 -25.35 -16.94 -8.32
CA GLU A 247 -24.76 -18.19 -7.82
C GLU A 247 -24.19 -19.06 -8.94
N THR A 248 -24.20 -18.55 -10.16
CA THR A 248 -23.72 -19.33 -11.29
C THR A 248 -22.28 -18.95 -11.67
N TYR A 249 -21.45 -19.97 -11.86
CA TYR A 249 -20.05 -19.74 -12.18
C TYR A 249 -19.58 -20.68 -13.26
N THR A 250 -18.54 -20.26 -13.98
CA THR A 250 -17.71 -21.18 -14.72
C THR A 250 -16.45 -21.38 -13.89
N ILE A 251 -15.83 -22.55 -14.04
CA ILE A 251 -14.73 -22.97 -13.21
C ILE A 251 -13.64 -23.51 -14.11
N THR A 252 -12.52 -22.80 -14.20
CA THR A 252 -11.48 -23.20 -15.14
C THR A 252 -10.23 -23.59 -14.37
N ASN A 253 -9.35 -24.36 -15.02
CA ASN A 253 -8.21 -24.89 -14.31
C ASN A 253 -6.99 -23.95 -14.42
N LEU A 254 -6.29 -23.76 -13.31
CA LEU A 254 -5.13 -22.87 -13.29
C LEU A 254 -3.98 -23.35 -14.20
N ARG A 255 -3.82 -24.67 -14.32
CA ARG A 255 -2.77 -25.23 -15.17
C ARG A 255 -2.95 -24.84 -16.63
N ASP A 256 -4.19 -24.93 -17.10
CA ASP A 256 -4.54 -24.55 -18.47
C ASP A 256 -5.92 -23.94 -18.43
N THR A 257 -5.98 -22.61 -18.48
CA THR A 257 -7.25 -21.89 -18.24
C THR A 257 -8.28 -22.04 -19.36
N THR A 258 -7.88 -22.64 -20.48
CA THR A 258 -8.82 -22.97 -21.55
C THR A 258 -9.63 -24.21 -21.18
N LYS A 259 -9.25 -24.85 -20.06
CA LYS A 259 -9.90 -26.07 -19.60
C LYS A 259 -10.90 -25.76 -18.50
N ALA A 260 -12.17 -26.07 -18.77
CA ALA A 260 -13.26 -25.78 -17.85
C ALA A 260 -13.85 -27.05 -17.27
N LEU A 261 -14.29 -26.94 -16.02
CA LEU A 261 -15.07 -28.00 -15.38
C LEU A 261 -16.35 -28.23 -16.19
N ASP A 262 -16.60 -29.49 -16.53
CA ASP A 262 -17.53 -29.85 -17.61
C ASP A 262 -18.32 -31.11 -17.25
N LEU A 263 -19.64 -31.03 -17.40
CA LEU A 263 -20.51 -32.17 -17.18
C LEU A 263 -20.57 -32.95 -18.49
N TYR A 264 -20.10 -34.20 -18.46
CA TYR A 264 -19.92 -35.00 -19.68
C TYR A 264 -21.20 -35.11 -20.51
N GLY A 265 -21.12 -34.68 -21.76
CA GLY A 265 -22.23 -34.74 -22.68
C GLY A 265 -23.42 -33.86 -22.32
N GLY A 266 -23.36 -33.25 -21.14
CA GLY A 266 -24.54 -32.60 -20.57
C GLY A 266 -25.57 -33.59 -20.06
N GLN A 267 -25.19 -34.84 -19.82
CA GLN A 267 -26.12 -35.82 -19.26
C GLN A 267 -26.32 -35.59 -17.77
N THR A 268 -27.47 -36.01 -17.28
CA THR A 268 -27.99 -35.63 -15.98
C THR A 268 -28.18 -36.90 -15.11
N ALA A 269 -27.97 -38.05 -15.73
CA ALA A 269 -28.09 -39.32 -15.03
C ALA A 269 -27.15 -39.38 -13.84
N ASN A 270 -27.60 -40.04 -12.78
CA ASN A 270 -26.73 -40.41 -11.66
C ASN A 270 -25.51 -41.14 -12.19
N GLY A 271 -24.33 -40.73 -11.72
CA GLY A 271 -23.09 -41.37 -12.10
C GLY A 271 -22.38 -40.72 -13.28
N THR A 272 -23.04 -39.74 -13.91
CA THR A 272 -22.43 -39.01 -15.03
C THR A 272 -21.08 -38.43 -14.61
N ALA A 273 -20.08 -38.56 -15.48
CA ALA A 273 -18.73 -38.09 -15.20
C ALA A 273 -18.62 -36.56 -15.13
N ILE A 274 -17.79 -36.10 -14.19
CA ILE A 274 -17.38 -34.72 -14.16
C ILE A 274 -15.95 -34.71 -14.70
N GLN A 275 -15.65 -33.79 -15.60
CA GLN A 275 -14.33 -33.81 -16.23
C GLN A 275 -13.90 -32.37 -16.46
N VAL A 276 -12.79 -32.20 -17.18
CA VAL A 276 -12.48 -30.91 -17.78
C VAL A 276 -12.65 -31.06 -19.28
N PHE A 277 -12.82 -29.93 -19.96
CA PHE A 277 -13.00 -29.95 -21.40
C PHE A 277 -12.73 -28.55 -21.90
N ASN A 278 -12.40 -28.41 -23.19
CA ASN A 278 -12.17 -27.09 -23.77
C ASN A 278 -13.34 -26.14 -23.50
N TYR A 279 -13.04 -24.94 -23.03
CA TYR A 279 -14.08 -24.00 -22.65
C TYR A 279 -14.89 -23.54 -23.86
N HIS A 280 -16.21 -23.68 -23.77
CA HIS A 280 -17.09 -23.13 -24.79
C HIS A 280 -18.23 -22.35 -24.15
N GLY A 281 -18.34 -22.46 -22.82
CA GLY A 281 -19.32 -21.70 -22.07
C GLY A 281 -20.76 -22.12 -22.29
N ASP A 282 -20.97 -23.34 -22.77
CA ASP A 282 -22.32 -23.88 -22.86
C ASP A 282 -22.82 -24.18 -21.45
N ASP A 283 -24.09 -24.59 -21.37
CA ASP A 283 -24.74 -24.79 -20.09
C ASP A 283 -24.15 -25.94 -19.25
N ASN A 284 -23.53 -26.92 -19.92
CA ASN A 284 -22.86 -28.00 -19.21
C ASN A 284 -21.49 -27.62 -18.63
N GLN A 285 -21.08 -26.35 -18.80
CA GLN A 285 -19.87 -25.84 -18.16
C GLN A 285 -20.19 -24.70 -17.19
N LYS A 286 -21.45 -24.63 -16.77
CA LYS A 286 -21.89 -23.62 -15.80
C LYS A 286 -22.37 -24.30 -14.52
N TRP A 287 -22.00 -23.73 -13.38
CA TRP A 287 -22.25 -24.37 -12.11
C TRP A 287 -22.83 -23.41 -11.09
N ASN A 288 -23.79 -23.90 -10.32
CA ASN A 288 -24.31 -23.17 -9.17
C ASN A 288 -23.61 -23.62 -7.89
N ILE A 289 -23.03 -22.64 -7.21
CA ILE A 289 -22.35 -22.88 -5.95
C ILE A 289 -23.25 -22.31 -4.86
N ARG A 290 -23.71 -23.17 -3.97
CA ARG A 290 -24.77 -22.78 -3.04
C ARG A 290 -24.53 -23.25 -1.61
N ASN A 291 -25.12 -22.53 -0.66
CA ASN A 291 -25.27 -23.03 0.70
C ASN A 291 -25.97 -24.38 0.67
N PRO A 292 -25.42 -25.35 1.40
CA PRO A 292 -26.19 -26.57 1.64
C PRO A 292 -27.35 -26.26 2.58
N PRO A 293 -28.58 -26.68 2.22
CA PRO A 293 -29.74 -26.35 3.04
C PRO A 293 -29.69 -26.99 4.42
N VAL B 4 -9.46 42.24 37.87
CA VAL B 4 -10.75 41.75 38.36
C VAL B 4 -11.21 40.53 37.55
N GLU B 5 -11.83 39.58 38.22
CA GLU B 5 -12.16 38.31 37.57
C GLU B 5 -13.41 38.41 36.70
N ARG B 6 -13.28 37.89 35.47
CA ARG B 6 -14.34 37.97 34.47
C ARG B 6 -14.84 36.60 34.10
N THR B 7 -14.18 35.56 34.61
CA THR B 7 -14.42 34.20 34.12
C THR B 7 -14.07 33.11 35.15
N PHE B 8 -14.17 31.85 34.73
CA PHE B 8 -13.98 30.71 35.62
C PHE B 8 -12.52 30.43 35.97
N LEU B 9 -11.60 31.06 35.25
CA LEU B 9 -10.17 30.78 35.37
C LEU B 9 -9.37 32.08 35.55
N PRO B 10 -8.88 32.35 36.77
CA PRO B 10 -8.24 33.66 37.01
C PRO B 10 -6.91 33.87 36.30
N ASN B 11 -6.56 35.13 36.06
CA ASN B 11 -5.30 35.48 35.41
C ASN B 11 -4.12 35.12 36.29
N GLY B 12 -3.00 34.73 35.68
CA GLY B 12 -1.79 34.50 36.46
C GLY B 12 -0.95 33.34 35.95
N ASN B 13 -0.02 32.88 36.78
CA ASN B 13 0.96 31.87 36.40
C ASN B 13 0.53 30.44 36.74
N TYR B 14 0.62 29.56 35.75
CA TYR B 14 0.20 28.16 35.89
C TYR B 14 1.30 27.22 35.43
N ASN B 15 1.31 26.01 36.00
CA ASN B 15 1.96 24.86 35.38
C ASN B 15 0.91 24.18 34.52
N ILE B 16 1.33 23.60 33.40
CA ILE B 16 0.40 22.88 32.53
C ILE B 16 0.79 21.41 32.45
N LYS B 17 -0.16 20.54 32.77
CA LYS B 17 0.11 19.12 32.79
C LYS B 17 -0.90 18.38 31.94
N SER B 18 -0.56 17.15 31.56
CA SER B 18 -1.50 16.24 30.94
C SER B 18 -2.10 15.35 32.02
N ILE B 19 -3.31 14.86 31.83
CA ILE B 19 -3.90 13.94 32.80
C ILE B 19 -3.18 12.58 32.85
N PHE B 20 -2.37 12.29 31.84
CA PHE B 20 -1.61 11.03 31.86
C PHE B 20 -0.46 11.05 32.88
N SER B 21 -0.12 12.21 33.41
CA SER B 21 1.02 12.29 34.32
C SER B 21 1.07 13.50 35.24
N GLY B 22 1.15 13.24 36.55
CA GLY B 22 1.23 14.30 37.53
C GLY B 22 2.62 14.91 37.65
N SER B 23 3.61 14.28 37.04
CA SER B 23 5.00 14.71 37.21
C SER B 23 5.64 15.27 35.94
N LEU B 24 4.88 15.39 34.85
CA LEU B 24 5.43 16.01 33.65
C LEU B 24 4.77 17.36 33.38
N TYR B 25 5.59 18.34 33.00
CA TYR B 25 5.18 19.73 32.91
C TYR B 25 5.46 20.24 31.50
N LEU B 26 4.50 20.97 30.94
CA LEU B 26 4.67 21.59 29.62
C LEU B 26 5.83 22.59 29.59
N ASN B 27 6.74 22.40 28.63
CA ASN B 27 7.79 23.37 28.31
C ASN B 27 8.19 23.27 26.83
N PRO B 28 8.77 24.35 26.27
CA PRO B 28 9.28 24.30 24.90
C PRO B 28 10.59 23.53 24.81
N VAL B 29 10.77 22.77 23.74
CA VAL B 29 12.03 22.10 23.43
C VAL B 29 12.27 22.30 21.94
N SER B 30 13.35 23.01 21.60
CA SER B 30 13.48 23.57 20.24
C SER B 30 12.19 24.32 19.92
N LYS B 31 11.61 24.08 18.76
CA LYS B 31 10.38 24.79 18.43
C LYS B 31 9.10 24.02 18.76
N SER B 32 9.20 22.87 19.42
CA SER B 32 8.01 22.14 19.84
C SER B 32 7.69 22.38 21.30
N LEU B 33 6.51 21.92 21.70
CA LEU B 33 6.08 21.92 23.08
C LEU B 33 6.00 20.46 23.53
N THR B 34 6.47 20.17 24.74
CA THR B 34 6.42 18.80 25.23
C THR B 34 6.29 18.79 26.75
N PHE B 35 6.01 17.62 27.31
CA PHE B 35 5.90 17.48 28.77
C PHE B 35 7.16 16.82 29.33
N SER B 36 7.87 17.54 30.19
CA SER B 36 9.17 17.13 30.70
C SER B 36 9.21 17.06 32.22
N ASN B 37 10.30 16.53 32.77
CA ASN B 37 10.47 16.50 34.22
C ASN B 37 10.51 17.91 34.82
N GLU B 38 10.05 18.02 36.06
CA GLU B 38 9.97 19.29 36.77
C GLU B 38 11.35 19.95 36.79
N SER B 39 11.43 21.18 36.30
CA SER B 39 12.71 21.87 36.22
C SER B 39 12.80 22.96 37.28
N SER B 40 11.67 23.27 37.91
CA SER B 40 11.55 24.37 38.85
C SER B 40 11.99 25.70 38.23
N ALA B 41 11.89 25.80 36.90
CA ALA B 41 12.34 26.98 36.17
C ALA B 41 11.18 27.69 35.47
N ASN B 42 11.44 28.91 34.99
CA ASN B 42 10.39 29.72 34.41
C ASN B 42 9.81 29.18 33.10
N ASN B 43 10.59 28.36 32.39
CA ASN B 43 10.12 27.86 31.11
C ASN B 43 8.99 26.84 31.26
N GLN B 44 8.72 26.42 32.50
CA GLN B 44 7.56 25.58 32.77
C GLN B 44 6.44 26.38 33.44
N LYS B 45 6.57 27.70 33.38
CA LYS B 45 5.57 28.60 33.93
C LYS B 45 4.87 29.33 32.80
N TRP B 46 3.55 29.36 32.88
CA TRP B 46 2.73 29.92 31.83
C TRP B 46 1.78 30.99 32.37
N ASN B 47 1.84 32.16 31.76
CA ASN B 47 1.00 33.29 32.14
C ASN B 47 -0.29 33.27 31.34
N VAL B 48 -1.40 33.09 32.04
CA VAL B 48 -2.71 33.02 31.42
C VAL B 48 -3.41 34.37 31.60
N GLU B 49 -3.86 34.93 30.48
CA GLU B 49 -4.55 36.22 30.53
C GLU B 49 -5.85 36.20 29.71
N TYR B 50 -6.94 36.58 30.36
CA TYR B 50 -8.25 36.61 29.73
C TYR B 50 -8.37 37.82 28.82
N MET B 51 -8.94 37.65 27.65
CA MET B 51 -9.21 38.77 26.75
C MET B 51 -10.72 38.99 26.69
N ALA B 52 -11.18 40.08 27.27
CA ALA B 52 -12.62 40.38 27.37
C ALA B 52 -13.30 40.50 26.01
N GLU B 53 -12.61 41.09 25.05
CA GLU B 53 -13.20 41.33 23.74
C GLU B 53 -13.59 40.04 22.99
N ASN B 54 -12.82 38.98 23.16
CA ASN B 54 -13.08 37.72 22.46
C ASN B 54 -13.50 36.58 23.39
N ARG B 55 -13.55 36.85 24.69
CA ARG B 55 -13.92 35.86 25.70
C ARG B 55 -13.03 34.61 25.62
N CYS B 56 -11.76 34.82 25.29
CA CYS B 56 -10.78 33.75 25.21
C CYS B 56 -9.54 34.07 26.03
N PHE B 57 -8.53 33.22 25.92
CA PHE B 57 -7.34 33.40 26.74
C PHE B 57 -6.12 33.39 25.85
N LYS B 58 -5.11 34.16 26.24
CA LYS B 58 -3.81 34.03 25.62
C LYS B 58 -2.81 33.61 26.71
N ILE B 59 -1.84 32.80 26.30
CA ILE B 59 -1.00 32.09 27.25
C ILE B 59 0.46 32.23 26.85
N SER B 60 1.21 33.00 27.62
CA SER B 60 2.59 33.26 27.27
C SER B 60 3.52 32.48 28.19
N ASN B 61 4.75 32.27 27.75
CA ASN B 61 5.74 31.57 28.56
C ASN B 61 6.45 32.59 29.46
N VAL B 62 6.59 32.28 30.73
CA VAL B 62 7.17 33.25 31.68
C VAL B 62 8.64 33.54 31.39
N ALA B 63 9.38 32.55 30.90
CA ALA B 63 10.77 32.77 30.52
C ALA B 63 10.87 33.58 29.23
N GLU B 64 9.88 33.44 28.36
CA GLU B 64 9.84 34.19 27.11
C GLU B 64 8.51 34.94 27.00
N PRO B 65 8.37 36.02 27.78
CA PRO B 65 7.09 36.69 28.02
C PRO B 65 6.37 37.21 26.77
N ASN B 66 7.11 37.47 25.68
CA ASN B 66 6.45 37.91 24.44
C ASN B 66 6.17 36.79 23.44
N LYS B 67 6.27 35.56 23.90
CA LYS B 67 5.90 34.39 23.10
C LYS B 67 4.67 33.71 23.67
N TYR B 68 3.72 33.39 22.79
CA TYR B 68 2.45 32.83 23.19
C TYR B 68 2.25 31.46 22.56
N LEU B 69 1.55 30.59 23.27
CA LEU B 69 1.10 29.34 22.66
C LEU B 69 0.23 29.64 21.44
N SER B 70 0.58 29.02 20.33
CA SER B 70 -0.04 29.27 19.04
C SER B 70 -0.03 27.94 18.31
N TYR B 71 -0.26 27.94 17.00
CA TYR B 71 -0.15 26.69 16.25
C TYR B 71 0.35 26.99 14.83
N ASP B 72 1.09 26.06 14.26
CA ASP B 72 1.69 26.27 12.94
C ASP B 72 0.86 25.58 11.84
N ASN B 73 1.38 25.61 10.61
CA ASN B 73 0.68 25.00 9.49
C ASN B 73 0.94 23.49 9.33
N PHE B 74 1.52 22.87 10.35
CA PHE B 74 1.89 21.45 10.27
C PHE B 74 1.23 20.60 11.35
N GLY B 75 0.36 21.23 12.15
CA GLY B 75 -0.41 20.52 13.16
C GLY B 75 0.19 20.62 14.55
N PHE B 76 1.34 21.29 14.67
CA PHE B 76 2.02 21.43 15.96
C PHE B 76 1.59 22.67 16.71
N ILE B 77 1.43 22.53 18.03
CA ILE B 77 1.39 23.70 18.89
C ILE B 77 2.79 24.34 18.91
N SER B 78 2.84 25.66 18.87
CA SER B 78 4.11 26.38 18.82
C SER B 78 4.14 27.55 19.81
N LEU B 79 5.28 28.22 19.88
CA LEU B 79 5.45 29.42 20.69
C LEU B 79 5.80 30.55 19.72
N ASP B 80 4.93 31.53 19.60
CA ASP B 80 5.09 32.54 18.56
C ASP B 80 4.68 33.91 19.05
N SER B 81 4.95 34.95 18.26
CA SER B 81 4.50 36.29 18.62
C SER B 81 2.97 36.35 18.51
N LEU B 82 2.39 37.38 19.10
CA LEU B 82 0.94 37.49 19.20
C LEU B 82 0.22 37.49 17.85
N SER B 83 -0.82 36.68 17.75
CA SER B 83 -1.67 36.60 16.55
C SER B 83 -2.99 35.91 16.91
N ASN B 84 -3.92 35.85 15.96
CA ASN B 84 -5.23 35.25 16.25
C ASN B 84 -5.17 33.75 16.51
N ARG B 85 -4.04 33.13 16.19
CA ARG B 85 -3.83 31.73 16.51
C ARG B 85 -3.44 31.51 17.96
N CYS B 86 -3.26 32.60 18.71
CA CYS B 86 -2.87 32.49 20.12
C CYS B 86 -4.06 32.54 21.08
N TYR B 87 -5.27 32.49 20.54
CA TYR B 87 -6.47 32.64 21.38
C TYR B 87 -7.06 31.27 21.66
N TRP B 88 -7.20 30.96 22.95
CA TRP B 88 -7.66 29.64 23.36
C TRP B 88 -8.96 29.74 24.14
N PHE B 89 -9.84 28.79 23.90
CA PHE B 89 -11.17 28.73 24.49
C PHE B 89 -11.26 27.44 25.30
N PRO B 90 -11.05 27.55 26.61
CA PRO B 90 -11.05 26.34 27.45
C PRO B 90 -12.47 25.89 27.77
N ILE B 91 -12.62 24.58 27.97
CA ILE B 91 -13.86 24.01 28.48
C ILE B 91 -13.46 23.27 29.74
N LYS B 92 -13.92 23.78 30.87
CA LYS B 92 -13.59 23.16 32.15
C LYS B 92 -14.41 21.89 32.34
N ILE B 93 -13.75 20.78 32.60
CA ILE B 93 -14.50 19.52 32.72
C ILE B 93 -14.35 18.82 34.08
N ALA B 94 -13.45 19.35 34.90
CA ALA B 94 -13.26 18.90 36.29
C ALA B 94 -12.47 19.99 37.01
N VAL B 95 -12.18 19.77 38.29
CA VAL B 95 -11.63 20.80 39.20
C VAL B 95 -10.63 21.81 38.60
N ASN B 96 -9.61 21.31 37.94
CA ASN B 96 -8.78 22.18 37.11
C ASN B 96 -8.31 21.43 35.88
N THR B 97 -9.25 20.72 35.28
CA THR B 97 -9.04 20.00 34.03
C THR B 97 -9.85 20.67 32.92
N TYR B 98 -9.19 20.88 31.78
CA TYR B 98 -9.74 21.67 30.69
C TYR B 98 -9.44 21.00 29.36
N ILE B 99 -10.36 21.15 28.41
CA ILE B 99 -10.04 20.95 27.01
C ILE B 99 -9.75 22.33 26.40
N MET B 100 -8.67 22.46 25.65
CA MET B 100 -8.27 23.76 25.11
C MET B 100 -8.57 23.87 23.63
N LEU B 101 -9.65 24.54 23.28
CA LEU B 101 -10.00 24.66 21.86
C LEU B 101 -9.32 25.88 21.28
N SER B 102 -8.93 25.81 20.02
CA SER B 102 -8.58 27.02 19.32
C SER B 102 -9.83 27.91 19.23
N LEU B 103 -9.68 29.22 19.41
CA LEU B 103 -10.84 30.13 19.28
C LEU B 103 -11.43 30.00 17.88
N ASN B 104 -10.56 29.96 16.88
CA ASN B 104 -10.98 29.83 15.49
C ASN B 104 -11.37 28.41 15.12
N LYS B 105 -12.41 28.28 14.31
CA LYS B 105 -12.69 27.00 13.68
C LYS B 105 -11.52 26.69 12.75
N VAL B 106 -11.02 25.47 12.80
CA VAL B 106 -9.96 25.05 11.90
C VAL B 106 -10.50 23.97 10.98
N ASN B 107 -10.35 24.16 9.67
CA ASN B 107 -10.92 23.24 8.69
C ASN B 107 -12.39 23.03 9.00
N GLU B 108 -13.05 24.14 9.35
CA GLU B 108 -14.45 24.16 9.82
C GLU B 108 -14.83 23.12 10.89
N LEU B 109 -13.91 22.86 11.80
CA LEU B 109 -14.16 22.01 12.97
C LEU B 109 -13.58 22.70 14.20
N ASP B 110 -14.02 22.29 15.38
CA ASP B 110 -13.28 22.59 16.60
C ASP B 110 -11.97 21.79 16.61
N TYR B 111 -10.86 22.50 16.83
CA TYR B 111 -9.57 21.85 17.05
C TYR B 111 -9.08 22.14 18.48
N ALA B 112 -8.40 21.19 19.08
CA ALA B 112 -7.94 21.28 20.47
C ALA B 112 -6.48 20.79 20.63
N TRP B 113 -5.84 21.19 21.73
CA TRP B 113 -4.55 20.63 22.12
C TRP B 113 -4.72 19.12 22.24
N ASP B 114 -3.72 18.37 21.80
CA ASP B 114 -3.84 16.92 21.81
C ASP B 114 -2.46 16.32 22.03
N ILE B 115 -2.35 15.44 23.01
CA ILE B 115 -1.08 14.78 23.28
C ILE B 115 -1.27 13.28 23.06
N TYR B 116 -0.41 12.67 22.26
CA TYR B 116 -0.51 11.25 21.94
C TYR B 116 0.14 10.42 23.03
N ASP B 117 -0.50 9.33 23.42
CA ASP B 117 0.02 8.48 24.48
C ASP B 117 0.21 7.06 23.96
N THR B 118 1.20 6.36 24.50
CA THR B 118 1.39 4.94 24.26
C THR B 118 1.26 4.27 25.60
N ASN B 119 0.14 3.59 25.84
CA ASN B 119 -0.15 3.01 27.15
C ASN B 119 0.05 4.02 28.27
N GLU B 120 -0.48 5.22 28.05
CA GLU B 120 -0.44 6.33 28.99
C GLU B 120 0.93 7.02 29.15
N ASN B 121 1.91 6.63 28.33
CA ASN B 121 3.19 7.32 28.30
C ASN B 121 3.26 8.42 27.23
N ILE B 122 3.59 9.65 27.63
CA ILE B 122 3.67 10.79 26.71
C ILE B 122 5.08 11.39 26.56
N LEU B 123 6.08 10.71 27.11
CA LEU B 123 7.46 11.18 27.05
C LEU B 123 7.91 11.41 25.61
N SER B 124 8.45 12.59 25.35
CA SER B 124 9.01 12.96 24.05
C SER B 124 7.96 13.25 22.99
N GLN B 125 6.68 13.19 23.35
CA GLN B 125 5.62 13.54 22.41
C GLN B 125 5.47 15.05 22.30
N PRO B 126 5.36 15.57 21.07
CA PRO B 126 5.05 16.98 20.91
C PRO B 126 3.54 17.23 21.03
N LEU B 127 3.18 18.40 21.54
CA LEU B 127 1.78 18.76 21.63
C LEU B 127 1.27 19.16 20.24
N LEU B 128 0.16 18.54 19.83
CA LEU B 128 -0.44 18.81 18.52
C LEU B 128 -1.78 19.53 18.62
N LEU B 129 -2.28 19.96 17.46
CA LEU B 129 -3.61 20.55 17.37
C LEU B 129 -4.44 19.62 16.50
N LEU B 130 -5.43 18.95 17.09
CA LEU B 130 -6.20 17.94 16.37
C LEU B 130 -7.70 18.17 16.57
N PRO B 131 -8.55 17.61 15.69
CA PRO B 131 -9.99 17.85 15.80
C PRO B 131 -10.58 17.41 17.15
N ASN B 132 -11.56 18.17 17.61
CA ASN B 132 -12.26 17.84 18.85
C ASN B 132 -13.73 17.63 18.56
N PHE B 133 -14.35 16.62 19.17
CA PHE B 133 -15.75 16.29 18.92
C PHE B 133 -16.61 16.23 20.19
N ASP B 134 -15.96 16.11 21.35
CA ASP B 134 -16.67 15.97 22.62
C ASP B 134 -15.72 16.22 23.80
N ILE B 135 -16.17 15.99 25.02
CA ILE B 135 -15.34 16.26 26.19
C ILE B 135 -14.75 15.00 26.80
N TYR B 136 -14.73 13.93 26.03
CA TYR B 136 -14.36 12.63 26.58
C TYR B 136 -13.00 12.08 26.12
N ASN B 137 -12.29 12.85 25.31
CA ASN B 137 -10.99 12.42 24.77
C ASN B 137 -9.86 12.71 25.77
N SER B 138 -9.33 11.67 26.39
CA SER B 138 -8.23 11.79 27.36
C SER B 138 -6.98 12.49 26.83
N ASN B 139 -6.73 12.36 25.54
CA ASN B 139 -5.56 12.97 24.91
C ASN B 139 -5.68 14.47 24.73
N GLN B 140 -6.85 14.99 25.12
CA GLN B 140 -7.17 16.40 24.96
C GLN B 140 -7.47 17.06 26.29
N MET B 141 -7.20 16.34 27.38
CA MET B 141 -7.48 16.85 28.72
C MET B 141 -6.21 17.33 29.40
N PHE B 142 -6.23 18.56 29.91
CA PHE B 142 -5.04 19.15 30.50
C PHE B 142 -5.33 19.84 31.83
N LYS B 143 -4.39 19.73 32.77
CA LYS B 143 -4.54 20.36 34.06
C LYS B 143 -3.82 21.69 34.04
N LEU B 144 -4.47 22.70 34.59
CA LEU B 144 -3.85 24.01 34.78
C LEU B 144 -3.73 24.25 36.26
N GLU B 145 -2.52 24.15 36.78
CA GLU B 145 -2.33 24.32 38.22
C GLU B 145 -1.70 25.67 38.53
N LYS B 146 -2.45 26.51 39.24
CA LYS B 146 -1.97 27.80 39.70
C LYS B 146 -0.71 27.61 40.54
N ILE B 147 0.42 28.16 40.08
CA ILE B 147 1.71 28.02 40.77
C ILE B 147 2.78 28.83 40.06
N ASN C 8 5.93 -6.40 3.67
CA ASN C 8 6.16 -7.84 3.67
C ASN C 8 6.53 -8.36 2.30
N SER C 9 6.31 -7.53 1.27
CA SER C 9 6.93 -7.75 -0.02
C SER C 9 8.08 -6.75 -0.09
N LEU C 10 8.12 -5.88 0.92
CA LEU C 10 9.13 -4.84 0.99
C LEU C 10 10.25 -5.20 1.94
N ASN C 11 10.02 -6.17 2.81
CA ASN C 11 11.04 -6.55 3.78
C ASN C 11 12.37 -6.86 3.09
N ASP C 12 13.43 -6.25 3.61
CA ASP C 12 14.79 -6.44 3.13
C ASP C 12 15.08 -5.85 1.76
N LYS C 13 14.09 -5.21 1.14
CA LYS C 13 14.31 -4.59 -0.15
C LYS C 13 15.15 -3.33 0.01
N ILE C 14 16.03 -3.11 -0.94
CA ILE C 14 16.87 -1.93 -0.95
C ILE C 14 16.29 -0.96 -1.95
N VAL C 15 15.97 0.24 -1.48
CA VAL C 15 15.20 1.17 -2.29
C VAL C 15 15.82 2.57 -2.28
N THR C 16 15.39 3.39 -3.25
CA THR C 16 15.55 4.83 -3.17
C THR C 16 14.17 5.42 -2.84
N ILE C 17 14.17 6.58 -2.20
CA ILE C 17 12.96 7.27 -1.84
C ILE C 17 13.03 8.67 -2.40
N SER C 18 12.07 9.05 -3.25
CA SER C 18 12.09 10.41 -3.76
C SER C 18 10.76 11.11 -3.55
N CYS C 19 10.73 12.41 -3.79
CA CYS C 19 9.59 13.25 -3.46
C CYS C 19 8.61 13.32 -4.61
N LYS C 20 7.33 13.11 -4.30
CA LYS C 20 6.28 13.31 -5.30
C LYS C 20 6.19 14.81 -5.66
N ALA C 21 6.52 15.68 -4.71
CA ALA C 21 6.50 17.12 -4.96
C ALA C 21 7.70 17.58 -5.83
N ASP C 22 8.77 16.80 -5.84
CA ASP C 22 9.94 17.09 -6.69
C ASP C 22 10.67 15.78 -6.95
N THR C 23 10.40 15.17 -8.10
CA THR C 23 10.84 13.80 -8.34
C THR C 23 12.33 13.70 -8.63
N ASN C 24 12.99 14.84 -8.70
CA ASN C 24 14.45 14.86 -8.82
C ASN C 24 15.15 14.88 -7.46
N LEU C 25 14.38 14.92 -6.38
CA LEU C 25 14.99 14.96 -5.06
C LEU C 25 14.81 13.62 -4.33
N PHE C 26 15.90 13.11 -3.78
CA PHE C 26 15.94 11.79 -3.15
C PHE C 26 16.39 11.90 -1.69
N PHE C 27 15.96 10.98 -0.83
CA PHE C 27 16.54 10.92 0.53
C PHE C 27 18.04 10.59 0.45
N TYR C 28 18.84 11.37 1.17
CA TYR C 28 20.28 11.32 1.02
C TYR C 28 20.89 11.37 2.41
N GLN C 29 21.89 10.53 2.65
CA GLN C 29 22.44 10.38 3.99
C GLN C 29 23.95 10.52 4.01
N VAL C 30 24.45 11.30 4.94
CA VAL C 30 25.89 11.35 5.18
C VAL C 30 26.16 11.85 6.59
N ALA C 31 26.91 11.05 7.35
CA ALA C 31 27.31 11.39 8.71
C ALA C 31 26.13 11.73 9.62
N GLY C 32 25.02 11.03 9.47
CA GLY C 32 23.90 11.22 10.37
C GLY C 32 22.92 12.29 9.94
N ASN C 33 23.27 13.07 8.91
CA ASN C 33 22.35 14.07 8.40
C ASN C 33 21.60 13.57 7.19
N VAL C 34 20.28 13.76 7.23
CA VAL C 34 19.43 13.37 6.13
C VAL C 34 19.03 14.62 5.39
N SER C 35 19.18 14.61 4.07
CA SER C 35 18.71 15.74 3.29
C SER C 35 18.08 15.26 2.00
N LEU C 36 17.63 16.20 1.20
CA LEU C 36 16.98 15.89 -0.07
C LEU C 36 17.98 16.34 -1.12
N PHE C 37 18.33 15.45 -2.04
CA PHE C 37 19.45 15.71 -2.95
C PHE C 37 19.24 15.12 -4.34
N GLN C 38 19.88 15.70 -5.36
CA GLN C 38 19.68 15.19 -6.71
C GLN C 38 20.11 13.71 -6.82
N GLN C 39 19.67 13.03 -7.87
CA GLN C 39 20.03 11.62 -8.04
C GLN C 39 21.56 11.34 -8.12
N THR C 40 22.04 10.39 -7.31
CA THR C 40 23.47 10.06 -7.28
C THR C 40 23.75 8.67 -7.80
N ARG C 41 22.71 7.84 -7.87
CA ARG C 41 22.85 6.44 -8.27
C ARG C 41 23.93 5.72 -7.47
N ASN C 42 23.99 5.97 -6.17
CA ASN C 42 24.97 5.28 -5.33
C ASN C 42 24.40 5.01 -3.95
N TYR C 43 25.20 4.39 -3.08
CA TYR C 43 24.72 3.93 -1.78
C TYR C 43 24.25 5.05 -0.84
N LEU C 44 24.64 6.29 -1.13
CA LEU C 44 24.21 7.43 -0.32
C LEU C 44 22.69 7.66 -0.37
N GLU C 45 22.04 7.14 -1.42
CA GLU C 45 20.60 7.34 -1.57
C GLU C 45 19.87 6.01 -1.56
N ARG C 46 20.51 5.00 -0.99
CA ARG C 46 19.91 3.68 -0.89
C ARG C 46 19.59 3.33 0.55
N TRP C 47 18.45 2.65 0.72
CA TRP C 47 17.93 2.33 2.04
C TRP C 47 17.35 0.92 2.03
N ARG C 48 17.63 0.16 3.08
CA ARG C 48 17.01 -1.13 3.24
C ARG C 48 15.79 -0.99 4.17
N LEU C 49 14.66 -1.50 3.70
CA LEU C 49 13.43 -1.54 4.50
C LEU C 49 13.43 -2.80 5.35
N ILE C 50 13.35 -2.63 6.67
CA ILE C 50 13.37 -3.77 7.58
C ILE C 50 12.05 -3.87 8.35
N TYR C 51 11.27 -4.89 7.99
CA TYR C 51 9.93 -5.05 8.53
C TYR C 51 9.96 -5.69 9.91
N ASP C 52 9.30 -5.06 10.87
CA ASP C 52 8.97 -5.73 12.13
C ASP C 52 7.49 -6.13 12.05
N SER C 53 7.22 -7.44 12.01
CA SER C 53 5.86 -7.92 11.80
C SER C 53 4.88 -7.63 12.95
N ASN C 54 5.36 -7.63 14.19
CA ASN C 54 4.49 -7.33 15.34
C ASN C 54 4.03 -5.89 15.38
N LYS C 55 4.88 -4.97 14.91
CA LYS C 55 4.55 -3.57 14.89
C LYS C 55 3.81 -3.18 13.62
N ALA C 56 3.89 -4.03 12.60
CA ALA C 56 3.46 -3.69 11.26
C ALA C 56 4.13 -2.41 10.80
N ALA C 57 5.44 -2.30 11.06
CA ALA C 57 6.17 -1.08 10.71
C ALA C 57 7.60 -1.41 10.25
N TYR C 58 8.28 -0.40 9.70
CA TYR C 58 9.58 -0.59 9.09
C TYR C 58 10.64 0.31 9.69
N LYS C 59 11.84 -0.24 9.84
CA LYS C 59 13.03 0.55 10.04
C LYS C 59 13.57 0.89 8.66
N ILE C 60 14.09 2.10 8.50
CA ILE C 60 14.60 2.53 7.21
C ILE C 60 16.10 2.76 7.34
N LYS C 61 16.88 1.80 6.87
CA LYS C 61 18.30 1.73 7.19
C LYS C 61 19.20 2.16 6.04
N SER C 62 20.14 3.06 6.29
CA SER C 62 21.01 3.55 5.23
C SER C 62 22.00 2.46 4.75
N MET C 63 22.27 2.40 3.45
CA MET C 63 23.26 1.48 2.91
C MET C 63 24.67 2.08 2.91
N ASP C 64 24.86 3.12 3.72
CA ASP C 64 26.19 3.71 3.92
C ASP C 64 27.22 2.63 4.22
N ILE C 65 28.26 2.54 3.39
CA ILE C 65 29.30 1.52 3.54
C ILE C 65 30.24 1.78 4.72
N HIS C 66 30.27 3.02 5.19
CA HIS C 66 31.15 3.45 6.30
C HIS C 66 30.49 3.22 7.67
N ASN C 67 29.27 3.74 7.85
CA ASN C 67 28.49 3.46 9.04
C ASN C 67 27.28 2.62 8.67
N THR C 68 27.33 1.34 9.04
CA THR C 68 26.37 0.37 8.52
C THR C 68 25.13 0.23 9.42
N ASN C 69 25.11 0.96 10.53
CA ASN C 69 24.07 0.79 11.55
C ASN C 69 23.11 1.99 11.72
N LEU C 70 22.96 2.80 10.67
CA LEU C 70 22.20 4.05 10.80
C LEU C 70 20.79 3.95 10.22
N VAL C 71 19.79 4.34 11.00
CA VAL C 71 18.41 4.31 10.55
C VAL C 71 17.71 5.66 10.68
N LEU C 72 16.74 5.88 9.80
CA LEU C 72 15.94 7.10 9.81
C LEU C 72 15.22 7.20 11.15
N THR C 73 15.39 8.35 11.80
CA THR C 73 15.00 8.56 13.17
C THR C 73 14.32 9.92 13.30
N TRP C 74 13.15 9.91 13.95
CA TRP C 74 12.49 11.15 14.34
C TRP C 74 13.04 11.59 15.69
N ASN C 75 13.63 12.78 15.72
CA ASN C 75 14.18 13.31 16.96
C ASN C 75 13.06 13.93 17.82
N ALA C 76 12.09 13.12 18.21
CA ALA C 76 10.96 13.58 19.03
C ALA C 76 11.45 14.24 20.32
N PRO C 77 10.81 15.36 20.72
CA PRO C 77 9.59 15.91 20.16
C PRO C 77 9.82 16.98 19.08
N THR C 78 11.05 17.14 18.62
CA THR C 78 11.35 18.21 17.67
C THR C 78 10.79 17.90 16.29
N HIS C 79 10.89 18.87 15.39
CA HIS C 79 10.48 18.70 13.99
C HIS C 79 11.59 18.02 13.15
N ASN C 80 12.69 17.60 13.78
CA ASN C 80 13.86 17.13 13.04
C ASN C 80 13.95 15.63 12.75
N ILE C 81 14.36 15.31 11.53
CA ILE C 81 14.56 13.94 11.11
C ILE C 81 16.06 13.78 10.85
N SER C 82 16.64 12.68 11.33
CA SER C 82 18.07 12.43 11.09
C SER C 82 18.30 10.92 10.97
N THR C 83 19.56 10.49 10.90
CA THR C 83 19.85 9.07 11.00
C THR C 83 20.65 8.85 12.27
N GLN C 84 20.28 7.82 13.03
CA GLN C 84 20.97 7.55 14.29
C GLN C 84 21.25 6.06 14.35
N GLN C 85 22.13 5.68 15.26
CA GLN C 85 22.35 4.27 15.55
C GLN C 85 21.03 3.58 15.89
N ASP C 86 20.82 2.44 15.24
CA ASP C 86 19.66 1.58 15.46
C ASP C 86 19.62 1.11 16.91
N SER C 87 18.58 1.50 17.64
CA SER C 87 18.39 0.99 18.99
C SER C 87 16.99 0.41 19.09
N ASN C 88 16.43 0.13 17.91
CA ASN C 88 15.12 -0.51 17.81
C ASN C 88 14.05 0.27 18.53
N ALA C 89 14.18 1.60 18.57
CA ALA C 89 13.26 2.46 19.30
C ALA C 89 12.06 2.86 18.44
N ASP C 90 10.98 3.30 19.11
CA ASP C 90 9.74 3.61 18.43
C ASP C 90 9.90 4.75 17.43
N ASN C 91 10.79 5.70 17.74
CA ASN C 91 11.01 6.83 16.85
C ASN C 91 11.89 6.44 15.65
N GLN C 92 12.19 5.15 15.53
CA GLN C 92 12.93 4.65 14.38
C GLN C 92 12.09 3.68 13.53
N TYR C 93 10.80 3.62 13.81
CA TYR C 93 9.86 2.81 13.03
C TYR C 93 8.85 3.66 12.30
N TRP C 94 8.45 3.17 11.14
CA TRP C 94 7.67 3.95 10.18
C TRP C 94 6.61 3.08 9.52
N LEU C 95 5.40 3.61 9.41
CA LEU C 95 4.33 2.91 8.70
C LEU C 95 4.42 3.36 7.25
N LEU C 96 4.46 2.40 6.35
CA LEU C 96 4.52 2.72 4.93
C LEU C 96 3.13 2.53 4.38
N LEU C 97 2.45 3.63 4.09
CA LEU C 97 1.07 3.55 3.63
C LEU C 97 1.03 3.90 2.16
N LYS C 98 0.66 2.94 1.33
CA LYS C 98 0.62 3.19 -0.08
C LYS C 98 -0.72 3.80 -0.47
N ASP C 99 -0.68 5.01 -1.02
CA ASP C 99 -1.88 5.65 -1.54
C ASP C 99 -2.25 5.03 -2.89
N ILE C 100 -3.24 4.13 -2.90
CA ILE C 100 -3.63 3.44 -4.12
C ILE C 100 -4.25 4.40 -5.14
N GLY C 101 -3.92 4.22 -6.41
CA GLY C 101 -4.37 5.14 -7.44
C GLY C 101 -3.31 6.19 -7.68
N ASN C 102 -2.64 6.59 -6.61
CA ASN C 102 -1.66 7.66 -6.67
C ASN C 102 -0.26 7.12 -6.90
N ASN C 103 -0.07 5.82 -6.65
CA ASN C 103 1.23 5.18 -6.74
C ASN C 103 2.31 5.93 -5.94
N SER C 104 1.96 6.37 -4.74
CA SER C 104 2.93 7.05 -3.89
C SER C 104 2.68 6.60 -2.45
N PHE C 105 3.63 6.91 -1.59
CA PHE C 105 3.60 6.46 -0.20
C PHE C 105 3.54 7.62 0.76
N ILE C 106 2.75 7.45 1.82
CA ILE C 106 2.84 8.30 2.98
C ILE C 106 3.69 7.57 4.01
N ILE C 107 4.62 8.29 4.64
CA ILE C 107 5.51 7.64 5.60
C ILE C 107 5.24 8.19 7.01
N ALA C 108 4.53 7.42 7.83
CA ALA C 108 4.02 7.90 9.11
C ALA C 108 4.86 7.39 10.28
N SER C 109 5.05 8.21 11.30
CA SER C 109 5.85 7.74 12.44
C SER C 109 5.10 6.70 13.24
N TYR C 110 5.78 5.61 13.59
CA TYR C 110 5.18 4.62 14.48
C TYR C 110 5.02 5.20 15.90
N LYS C 111 5.92 6.08 16.32
CA LYS C 111 5.80 6.66 17.65
C LYS C 111 4.57 7.57 17.77
N ASN C 112 4.22 8.26 16.69
CA ASN C 112 3.02 9.08 16.65
C ASN C 112 2.47 9.10 15.23
N PRO C 113 1.54 8.18 14.93
CA PRO C 113 1.00 7.98 13.58
C PRO C 113 0.20 9.17 13.06
N ASN C 114 -0.16 10.13 13.91
CA ASN C 114 -0.70 11.39 13.41
C ASN C 114 0.31 12.24 12.63
N LEU C 115 1.58 11.87 12.72
CA LEU C 115 2.65 12.65 12.09
C LEU C 115 3.31 11.86 10.99
N VAL C 116 3.52 12.52 9.85
CA VAL C 116 4.09 11.88 8.67
C VAL C 116 5.22 12.76 8.12
N LEU C 117 6.15 12.14 7.39
CA LEU C 117 7.26 12.87 6.77
C LEU C 117 6.74 13.87 5.76
N TYR C 118 7.38 15.03 5.76
CA TYR C 118 7.02 16.14 4.91
C TYR C 118 8.33 16.63 4.25
N ALA C 119 8.33 16.71 2.93
CA ALA C 119 9.53 17.09 2.20
C ALA C 119 9.59 18.60 2.14
N ASP C 120 10.55 19.20 2.83
CA ASP C 120 10.71 20.64 2.71
C ASP C 120 11.69 20.84 1.59
N THR C 121 11.18 21.00 0.38
CA THR C 121 12.02 21.01 -0.80
C THR C 121 12.86 22.29 -0.89
N VAL C 122 12.39 23.37 -0.28
CA VAL C 122 13.18 24.59 -0.33
C VAL C 122 14.37 24.55 0.65
N ALA C 123 14.13 24.04 1.86
CA ALA C 123 15.23 23.82 2.79
C ALA C 123 16.00 22.53 2.45
N ARG C 124 15.49 21.75 1.52
CA ARG C 124 16.07 20.46 1.12
C ARG C 124 16.29 19.51 2.31
N ASN C 125 15.30 19.42 3.19
CA ASN C 125 15.36 18.41 4.24
C ASN C 125 13.96 17.90 4.60
N LEU C 126 13.88 17.09 5.65
CA LEU C 126 12.61 16.47 6.02
C LEU C 126 12.11 17.03 7.35
N LYS C 127 10.80 17.19 7.44
CA LYS C 127 10.18 17.49 8.72
C LYS C 127 8.93 16.65 8.87
N LEU C 128 8.01 17.08 9.72
CA LEU C 128 6.84 16.28 10.04
C LEU C 128 5.58 17.12 9.89
N SER C 129 4.46 16.46 9.63
CA SER C 129 3.21 17.18 9.50
C SER C 129 2.09 16.21 9.83
N THR C 130 0.97 16.76 10.25
CA THR C 130 -0.22 15.94 10.30
C THR C 130 -0.68 15.71 8.86
N LEU C 131 -1.55 14.75 8.66
CA LEU C 131 -1.96 14.30 7.34
C LEU C 131 -2.77 15.38 6.61
N ASN C 132 -2.52 15.53 5.32
CA ASN C 132 -3.27 16.46 4.47
C ASN C 132 -3.22 15.93 3.04
N ASN C 133 -3.76 16.69 2.09
CA ASN C 133 -3.74 16.26 0.70
C ASN C 133 -2.60 16.80 -0.17
N SER C 134 -1.56 17.36 0.43
CA SER C 134 -0.49 17.95 -0.37
C SER C 134 0.49 16.89 -0.84
N ASN C 135 1.13 17.16 -1.96
CA ASN C 135 2.14 16.28 -2.50
C ASN C 135 3.43 16.24 -1.69
N TYR C 136 3.59 17.17 -0.73
CA TYR C 136 4.82 17.22 0.07
C TYR C 136 4.94 16.08 1.07
N ILE C 137 3.84 15.40 1.37
CA ILE C 137 3.91 14.21 2.24
C ILE C 137 3.88 12.88 1.46
N LYS C 138 3.95 12.97 0.13
CA LYS C 138 3.93 11.77 -0.70
C LYS C 138 5.29 11.44 -1.27
N PHE C 139 5.64 10.16 -1.28
CA PHE C 139 6.96 9.72 -1.69
C PHE C 139 6.90 8.52 -2.62
N ILE C 140 7.87 8.43 -3.52
CA ILE C 140 8.05 7.34 -4.44
C ILE C 140 9.15 6.42 -3.90
N ILE C 141 8.76 5.21 -3.55
CA ILE C 141 9.70 4.26 -2.99
C ILE C 141 9.91 3.23 -4.08
N GLU C 142 11.15 3.06 -4.50
CA GLU C 142 11.43 2.23 -5.66
C GLU C 142 12.67 1.36 -5.46
N ASP C 143 12.60 0.12 -5.91
CA ASP C 143 13.76 -0.75 -5.96
C ASP C 143 14.94 -0.01 -6.59
N TYR C 144 16.11 -0.06 -5.96
CA TYR C 144 17.21 0.81 -6.37
C TYR C 144 17.72 0.60 -7.81
N ILE C 145 17.70 -0.63 -8.31
CA ILE C 145 18.10 -0.92 -9.69
C ILE C 145 17.21 -0.21 -10.72
N ILE C 146 15.89 -0.32 -10.52
CA ILE C 146 14.90 0.35 -11.36
C ILE C 146 15.07 1.88 -11.30
N SER C 147 15.18 2.39 -10.07
CA SER C 147 15.42 3.80 -9.84
C SER C 147 16.65 4.29 -10.63
N ASP C 148 17.74 3.50 -10.56
CA ASP C 148 19.00 3.87 -11.21
C ASP C 148 18.93 3.73 -12.75
N LEU C 149 18.22 2.73 -13.23
CA LEU C 149 18.29 2.40 -14.65
C LEU C 149 17.21 3.07 -15.48
N ASN C 150 16.06 3.34 -14.87
CA ASN C 150 14.92 3.94 -15.58
C ASN C 150 15.26 5.32 -16.11
N ASN C 151 15.05 5.54 -17.41
CA ASN C 151 15.40 6.80 -18.07
C ASN C 151 16.89 7.11 -18.03
N PHE C 152 17.70 6.07 -17.91
CA PHE C 152 19.13 6.23 -17.91
C PHE C 152 19.67 5.99 -19.32
N THR C 153 20.43 6.95 -19.83
CA THR C 153 21.05 6.81 -21.13
C THR C 153 22.45 6.29 -20.90
N CYS C 154 22.77 5.18 -21.56
CA CYS C 154 23.97 4.45 -21.22
C CYS C 154 24.68 3.93 -22.43
N LYS C 155 25.90 3.45 -22.23
CA LYS C 155 26.55 2.58 -23.20
C LYS C 155 26.68 1.22 -22.53
N ILE C 156 26.66 0.17 -23.36
CA ILE C 156 26.63 -1.20 -22.86
C ILE C 156 27.86 -1.94 -23.36
N SER C 157 28.73 -2.34 -22.43
CA SER C 157 29.98 -2.99 -22.82
C SER C 157 30.08 -4.41 -22.27
N PRO C 158 30.60 -5.34 -23.09
CA PRO C 158 30.88 -6.68 -22.57
C PRO C 158 32.07 -6.59 -21.60
N ILE C 159 32.12 -7.47 -20.62
CA ILE C 159 33.21 -7.42 -19.66
C ILE C 159 34.47 -8.08 -20.22
N LEU C 160 34.35 -8.68 -21.39
CA LEU C 160 35.52 -9.22 -22.10
C LEU C 160 36.35 -8.12 -22.76
N ASP C 161 35.74 -6.96 -22.95
CA ASP C 161 36.43 -5.78 -23.51
C ASP C 161 35.60 -4.51 -23.28
N LEU C 162 35.98 -3.75 -22.27
CA LEU C 162 35.25 -2.55 -21.90
C LEU C 162 35.37 -1.43 -22.93
N ASN C 163 36.37 -1.53 -23.81
CA ASN C 163 36.56 -0.53 -24.86
C ASN C 163 35.56 -0.64 -25.99
N LYS C 164 34.86 -1.77 -26.05
CA LYS C 164 33.86 -1.98 -27.09
C LYS C 164 32.45 -1.91 -26.50
N VAL C 165 31.47 -1.70 -27.38
CA VAL C 165 30.09 -1.49 -26.98
C VAL C 165 29.11 -2.08 -27.99
N VAL C 166 27.92 -2.38 -27.50
CA VAL C 166 26.80 -2.84 -28.30
C VAL C 166 26.21 -1.66 -29.06
N GLN C 167 26.13 -1.77 -30.38
CA GLN C 167 25.60 -0.67 -31.16
C GLN C 167 24.61 -1.14 -32.22
N GLN C 168 23.71 -0.24 -32.61
CA GLN C 168 22.98 -0.39 -33.86
C GLN C 168 23.97 0.05 -34.95
N VAL C 169 24.01 -0.67 -36.07
CA VAL C 169 24.99 -0.38 -37.11
C VAL C 169 24.86 1.04 -37.67
N ASP C 170 23.67 1.40 -38.13
CA ASP C 170 23.38 2.80 -38.46
C ASP C 170 21.89 3.06 -38.52
N VAL C 171 21.51 4.29 -38.88
CA VAL C 171 20.13 4.73 -38.77
C VAL C 171 19.14 3.91 -39.62
N THR C 172 19.61 3.36 -40.73
CA THR C 172 18.75 2.56 -41.59
C THR C 172 18.99 1.06 -41.46
N ASN C 173 20.24 0.66 -41.29
CA ASN C 173 20.55 -0.73 -40.95
C ASN C 173 20.25 -0.98 -39.49
N LEU C 174 19.19 -1.71 -39.21
CA LEU C 174 18.71 -1.90 -37.85
C LEU C 174 19.33 -3.12 -37.15
N ASN C 175 20.44 -3.60 -37.70
CA ASN C 175 21.17 -4.71 -37.09
C ASN C 175 22.05 -4.26 -35.93
N VAL C 176 22.30 -5.16 -34.99
CA VAL C 176 23.05 -4.83 -33.79
C VAL C 176 24.35 -5.62 -33.71
N ASN C 177 25.47 -4.94 -33.48
CA ASN C 177 26.74 -5.64 -33.36
C ASN C 177 27.68 -5.02 -32.32
N LEU C 178 28.86 -5.62 -32.16
CA LEU C 178 29.87 -5.06 -31.28
C LEU C 178 30.78 -4.13 -32.07
N TYR C 179 31.14 -3.01 -31.49
CA TYR C 179 32.06 -2.10 -32.16
C TYR C 179 32.79 -1.21 -31.15
N THR C 180 33.88 -0.59 -31.56
CA THR C 180 34.67 0.25 -30.67
C THR C 180 33.93 1.55 -30.36
N TRP C 181 34.04 2.01 -29.12
CA TRP C 181 33.35 3.21 -28.64
C TRP C 181 33.82 4.47 -29.35
N ASP C 182 32.88 5.26 -29.87
CA ASP C 182 33.23 6.51 -30.55
C ASP C 182 32.25 7.63 -30.23
N TYR C 183 31.42 7.42 -29.21
CA TYR C 183 30.42 8.40 -28.77
C TYR C 183 29.23 8.56 -29.73
N GLY C 184 29.11 7.71 -30.73
CA GLY C 184 27.99 7.77 -31.65
C GLY C 184 26.64 7.56 -30.97
N ARG C 185 25.62 8.22 -31.47
CA ARG C 185 24.27 8.07 -30.93
C ARG C 185 23.76 6.64 -31.13
N ASN C 186 24.26 5.98 -32.16
CA ASN C 186 23.95 4.57 -32.40
C ASN C 186 24.61 3.65 -31.38
N GLN C 187 25.46 4.22 -30.54
CA GLN C 187 26.16 3.44 -29.53
C GLN C 187 25.61 3.68 -28.13
N LYS C 188 24.55 4.48 -28.02
CA LYS C 188 23.97 4.77 -26.72
C LYS C 188 22.51 4.34 -26.64
N TRP C 189 22.11 3.91 -25.46
CA TRP C 189 20.80 3.33 -25.24
C TRP C 189 20.13 3.97 -24.04
N THR C 190 18.87 4.33 -24.19
CA THR C 190 18.08 4.89 -23.11
C THR C 190 17.17 3.80 -22.59
N ILE C 191 17.38 3.40 -21.34
CA ILE C 191 16.62 2.34 -20.71
C ILE C 191 15.31 2.88 -20.14
N ARG C 192 14.20 2.22 -20.46
CA ARG C 192 12.90 2.59 -19.88
C ARG C 192 12.26 1.38 -19.20
N TYR C 193 11.82 1.56 -17.97
CA TYR C 193 11.18 0.47 -17.26
C TYR C 193 9.67 0.56 -17.45
N ASN C 194 9.07 -0.54 -17.90
CA ASN C 194 7.61 -0.61 -18.04
C ASN C 194 7.00 -1.32 -16.83
N GLU C 195 6.46 -0.55 -15.90
CA GLU C 195 5.98 -1.13 -14.65
C GLU C 195 4.86 -2.14 -14.89
N GLU C 196 4.07 -1.93 -15.94
CA GLU C 196 2.99 -2.86 -16.29
C GLU C 196 3.53 -4.25 -16.60
N LYS C 197 4.62 -4.31 -17.37
CA LYS C 197 5.21 -5.57 -17.78
C LYS C 197 6.32 -6.06 -16.84
N ALA C 198 6.69 -5.21 -15.89
CA ALA C 198 7.81 -5.46 -14.98
C ALA C 198 9.09 -5.83 -15.73
N ALA C 199 9.37 -5.13 -16.82
CA ALA C 199 10.58 -5.41 -17.59
C ALA C 199 11.09 -4.14 -18.25
N TYR C 200 12.26 -4.25 -18.87
CA TYR C 200 12.91 -3.07 -19.43
C TYR C 200 12.88 -3.06 -20.94
N GLN C 201 13.01 -1.87 -21.52
CA GLN C 201 13.28 -1.71 -22.94
C GLN C 201 14.54 -0.86 -23.12
N PHE C 202 15.30 -1.17 -24.17
CA PHE C 202 16.48 -0.41 -24.53
C PHE C 202 16.20 0.39 -25.80
N PHE C 203 16.18 1.71 -25.70
CA PHE C 203 15.89 2.56 -26.86
C PHE C 203 17.18 3.07 -27.48
N ASN C 204 17.41 2.82 -28.76
CA ASN C 204 18.61 3.37 -29.37
C ASN C 204 18.42 4.86 -29.64
N THR C 205 19.41 5.68 -29.26
CA THR C 205 19.23 7.11 -29.33
C THR C 205 19.35 7.69 -30.74
N ILE C 206 19.74 6.87 -31.72
CA ILE C 206 19.77 7.33 -33.11
C ILE C 206 18.37 7.27 -33.74
N LEU C 207 17.48 6.53 -33.10
CA LEU C 207 16.09 6.44 -33.56
C LEU C 207 15.15 7.13 -32.58
N SER C 208 13.92 7.39 -33.00
CA SER C 208 12.94 8.02 -32.13
C SER C 208 12.15 6.96 -31.37
N ASN C 209 11.83 5.86 -32.05
CA ASN C 209 11.00 4.82 -31.46
C ASN C 209 11.54 3.41 -31.69
N GLY C 210 12.86 3.29 -31.79
CA GLY C 210 13.47 2.01 -32.06
C GLY C 210 14.02 1.35 -30.82
N VAL C 211 13.61 0.10 -30.58
CA VAL C 211 14.04 -0.63 -29.38
C VAL C 211 14.77 -1.92 -29.72
N LEU C 212 15.53 -2.44 -28.76
CA LEU C 212 16.23 -3.70 -28.93
C LEU C 212 15.24 -4.86 -28.76
N THR C 213 15.20 -5.74 -29.75
CA THR C 213 14.21 -6.81 -29.86
C THR C 213 14.85 -8.14 -30.28
N TRP C 214 14.36 -9.22 -29.68
CA TRP C 214 14.71 -10.56 -30.15
C TRP C 214 13.69 -11.02 -31.20
N ILE C 215 14.02 -10.84 -32.47
CA ILE C 215 13.15 -11.36 -33.53
C ILE C 215 13.32 -12.87 -33.60
N PHE C 216 12.40 -13.59 -32.95
CA PHE C 216 12.49 -15.04 -32.83
C PHE C 216 12.24 -15.76 -34.15
N SER C 217 11.61 -15.07 -35.09
CA SER C 217 11.33 -15.65 -36.40
C SER C 217 12.59 -15.77 -37.24
N ASN C 218 13.71 -15.34 -36.68
CA ASN C 218 15.01 -15.53 -37.31
C ASN C 218 15.98 -16.17 -36.33
N GLY C 219 15.45 -17.04 -35.48
CA GLY C 219 16.26 -17.78 -34.53
C GLY C 219 16.78 -16.96 -33.36
N ASN C 220 18.09 -16.78 -33.29
CA ASN C 220 18.73 -16.07 -32.18
C ASN C 220 19.02 -14.60 -32.49
N THR C 221 18.49 -14.13 -33.62
CA THR C 221 18.74 -12.78 -34.11
C THR C 221 18.16 -11.69 -33.21
N VAL C 222 19.03 -10.81 -32.72
CA VAL C 222 18.57 -9.59 -32.05
C VAL C 222 18.90 -8.36 -32.87
N ARG C 223 17.91 -7.47 -33.00
CA ARG C 223 18.05 -6.28 -33.80
C ARG C 223 17.29 -5.15 -33.16
N VAL C 224 17.30 -3.98 -33.80
CA VAL C 224 16.44 -2.88 -33.38
C VAL C 224 15.20 -2.86 -34.27
N SER C 225 14.03 -2.73 -33.68
CA SER C 225 12.81 -2.60 -34.46
C SER C 225 11.86 -1.61 -33.80
N SER C 226 10.82 -1.20 -34.53
CA SER C 226 9.84 -0.24 -34.01
C SER C 226 9.21 -0.74 -32.71
N SER C 227 8.96 0.18 -31.78
CA SER C 227 8.31 -0.17 -30.53
C SER C 227 6.80 -0.03 -30.66
N ASN C 228 6.35 0.31 -31.87
CA ASN C 228 4.92 0.39 -32.15
C ASN C 228 4.34 -0.97 -32.52
N ASP C 229 5.19 -2.00 -32.48
CA ASP C 229 4.72 -3.37 -32.45
C ASP C 229 4.41 -3.67 -31.00
N GLN C 230 3.14 -3.51 -30.62
CA GLN C 230 2.74 -3.45 -29.22
C GLN C 230 3.03 -4.69 -28.37
N ASN C 231 2.38 -5.80 -28.70
CA ASN C 231 2.48 -6.98 -27.86
C ASN C 231 3.54 -7.98 -28.30
N ASN C 232 4.80 -7.59 -28.11
CA ASN C 232 5.92 -8.47 -28.36
C ASN C 232 6.85 -8.46 -27.15
N ASP C 233 6.78 -9.53 -26.36
CA ASP C 233 7.61 -9.67 -25.16
C ASP C 233 9.08 -9.83 -25.51
N ALA C 234 9.35 -10.06 -26.79
CA ALA C 234 10.70 -10.10 -27.28
C ALA C 234 11.36 -8.71 -27.21
N GLN C 235 10.55 -7.67 -27.11
CA GLN C 235 11.03 -6.29 -27.01
C GLN C 235 11.31 -5.87 -25.57
N TYR C 236 11.15 -6.79 -24.64
CA TYR C 236 11.33 -6.49 -23.22
C TYR C 236 12.37 -7.41 -22.60
N TRP C 237 13.06 -6.88 -21.59
CA TRP C 237 14.19 -7.56 -20.98
C TRP C 237 14.20 -7.44 -19.47
N LEU C 238 14.83 -8.42 -18.83
CA LEU C 238 15.10 -8.38 -17.40
C LEU C 238 16.58 -8.09 -17.21
N ILE C 239 16.88 -7.12 -16.37
CA ILE C 239 18.27 -6.75 -16.08
C ILE C 239 18.55 -7.14 -14.64
N ASN C 240 19.44 -8.11 -14.44
CA ASN C 240 19.73 -8.56 -13.08
C ASN C 240 21.19 -8.36 -12.71
N PRO C 241 21.44 -7.72 -11.56
CA PRO C 241 22.81 -7.38 -11.20
C PRO C 241 23.65 -8.61 -10.88
N VAL C 242 24.86 -8.64 -11.41
CA VAL C 242 25.83 -9.65 -11.04
C VAL C 242 26.24 -9.35 -9.60
N SER C 243 26.29 -10.39 -8.78
CA SER C 243 26.56 -10.23 -7.35
C SER C 243 27.89 -9.52 -7.06
N ASP C 244 27.84 -8.64 -6.07
CA ASP C 244 29.02 -7.96 -5.53
C ASP C 244 29.75 -7.08 -6.55
N THR C 245 29.00 -6.47 -7.47
CA THR C 245 29.58 -5.55 -8.43
C THR C 245 28.91 -4.19 -8.32
N ASP C 246 29.46 -3.21 -9.05
CA ASP C 246 28.89 -1.87 -9.04
C ASP C 246 28.02 -1.61 -10.25
N GLU C 247 28.45 -2.12 -11.41
CA GLU C 247 27.76 -1.82 -12.67
C GLU C 247 27.67 -3.01 -13.62
N THR C 248 27.74 -4.22 -13.06
CA THR C 248 27.71 -5.43 -13.88
C THR C 248 26.37 -6.19 -13.76
N TYR C 249 25.80 -6.55 -14.91
CA TYR C 249 24.48 -7.16 -14.97
C TYR C 249 24.45 -8.28 -15.99
N THR C 250 23.36 -9.04 -15.98
CA THR C 250 23.04 -9.97 -17.05
C THR C 250 21.69 -9.51 -17.59
N ILE C 251 21.47 -9.73 -18.88
CA ILE C 251 20.26 -9.24 -19.54
C ILE C 251 19.54 -10.39 -20.24
N THR C 252 18.35 -10.75 -19.74
CA THR C 252 17.61 -11.90 -20.27
C THR C 252 16.29 -11.48 -20.92
N ASN C 253 15.91 -12.15 -22.00
CA ASN C 253 14.69 -11.75 -22.70
C ASN C 253 13.42 -12.19 -21.96
N LEU C 254 12.37 -11.39 -22.08
CA LEU C 254 11.12 -11.65 -21.37
C LEU C 254 10.38 -12.88 -21.92
N ARG C 255 10.32 -13.01 -23.25
CA ARG C 255 9.61 -14.12 -23.88
C ARG C 255 10.06 -15.46 -23.33
N ASP C 256 11.36 -15.71 -23.38
CA ASP C 256 11.94 -16.85 -22.69
C ASP C 256 13.10 -16.38 -21.84
N THR C 257 12.95 -16.54 -20.53
CA THR C 257 13.85 -15.93 -19.56
C THR C 257 15.22 -16.64 -19.41
N THR C 258 15.36 -17.79 -20.04
CA THR C 258 16.68 -18.44 -20.10
C THR C 258 17.43 -17.97 -21.35
N LYS C 259 16.80 -17.09 -22.13
CA LYS C 259 17.45 -16.47 -23.27
C LYS C 259 18.16 -15.18 -22.84
N ALA C 260 19.47 -15.28 -22.61
CA ALA C 260 20.28 -14.16 -22.18
C ALA C 260 20.97 -13.49 -23.35
N LEU C 261 21.24 -12.19 -23.21
CA LEU C 261 21.96 -11.44 -24.23
C LEU C 261 23.40 -11.94 -24.26
N ASP C 262 23.89 -12.21 -25.47
CA ASP C 262 25.13 -12.95 -25.65
C ASP C 262 26.02 -12.37 -26.74
N LEU C 263 27.28 -12.16 -26.37
CA LEU C 263 28.33 -11.77 -27.30
C LEU C 263 28.78 -13.00 -28.08
N TYR C 264 28.28 -13.12 -29.31
CA TYR C 264 28.46 -14.28 -30.18
C TYR C 264 29.87 -14.88 -30.18
N GLY C 265 30.00 -16.03 -29.53
CA GLY C 265 31.26 -16.75 -29.48
C GLY C 265 32.25 -16.24 -28.47
N GLY C 266 31.98 -15.06 -27.92
CA GLY C 266 32.90 -14.43 -27.00
C GLY C 266 33.97 -13.67 -27.76
N GLN C 267 33.78 -13.59 -29.08
CA GLN C 267 34.68 -12.84 -29.96
C GLN C 267 34.65 -11.36 -29.60
N THR C 268 35.63 -10.61 -30.07
CA THR C 268 35.85 -9.27 -29.54
C THR C 268 36.12 -8.24 -30.64
N ALA C 269 36.48 -8.71 -31.83
CA ALA C 269 36.73 -7.82 -32.95
C ALA C 269 35.48 -7.00 -33.31
N ASN C 270 35.68 -5.88 -33.99
CA ASN C 270 34.56 -5.06 -34.44
C ASN C 270 33.66 -5.84 -35.40
N GLY C 271 32.36 -5.77 -35.17
CA GLY C 271 31.40 -6.41 -36.06
C GLY C 271 30.89 -7.74 -35.54
N THR C 272 31.49 -8.25 -34.47
CA THR C 272 30.99 -9.44 -33.79
C THR C 272 29.50 -9.29 -33.51
N ALA C 273 28.72 -10.31 -33.87
CA ALA C 273 27.28 -10.26 -33.72
C ALA C 273 26.84 -10.25 -32.26
N ILE C 274 25.66 -9.69 -32.03
CA ILE C 274 25.03 -9.68 -30.72
C ILE C 274 23.78 -10.51 -30.85
N GLN C 275 23.55 -11.44 -29.92
CA GLN C 275 22.42 -12.35 -30.07
C GLN C 275 21.75 -12.69 -28.75
N VAL C 276 20.76 -13.57 -28.80
CA VAL C 276 20.25 -14.23 -27.61
C VAL C 276 20.74 -15.68 -27.61
N PHE C 277 21.10 -16.16 -26.44
CA PHE C 277 21.59 -17.53 -26.31
C PHE C 277 21.18 -18.05 -24.95
N ASN C 278 20.97 -19.37 -24.86
CA ASN C 278 20.56 -19.98 -23.61
C ASN C 278 21.50 -19.61 -22.46
N TYR C 279 20.95 -19.32 -21.30
CA TYR C 279 21.74 -18.83 -20.18
C TYR C 279 22.77 -19.83 -19.69
N HIS C 280 23.95 -19.32 -19.34
CA HIS C 280 24.96 -20.12 -18.66
C HIS C 280 25.76 -19.23 -17.71
N GLY C 281 25.49 -17.94 -17.75
CA GLY C 281 26.07 -17.00 -16.80
C GLY C 281 27.54 -16.71 -16.99
N ASP C 282 28.13 -17.23 -18.07
CA ASP C 282 29.55 -17.01 -18.33
C ASP C 282 29.84 -15.55 -18.73
N ASP C 283 31.11 -15.28 -19.03
CA ASP C 283 31.57 -13.91 -19.21
C ASP C 283 30.98 -13.18 -20.41
N ASN C 284 30.59 -13.93 -21.44
CA ASN C 284 30.04 -13.34 -22.65
C ASN C 284 28.53 -13.17 -22.61
N GLN C 285 27.97 -13.26 -21.39
CA GLN C 285 26.56 -12.96 -21.15
C GLN C 285 26.45 -11.95 -20.02
N LYS C 286 27.59 -11.39 -19.63
CA LYS C 286 27.61 -10.31 -18.66
C LYS C 286 27.90 -8.98 -19.34
N TRP C 287 27.33 -7.92 -18.81
CA TRP C 287 27.42 -6.61 -19.43
C TRP C 287 27.55 -5.51 -18.37
N ASN C 288 28.48 -4.59 -18.60
CA ASN C 288 28.57 -3.36 -17.81
C ASN C 288 27.74 -2.28 -18.48
N ILE C 289 26.81 -1.73 -17.71
CA ILE C 289 25.96 -0.65 -18.17
C ILE C 289 26.47 0.64 -17.55
N ARG C 290 26.95 1.57 -18.38
CA ARG C 290 27.66 2.74 -17.86
C ARG C 290 27.15 4.07 -18.40
N ASN C 291 27.43 5.14 -17.66
CA ASN C 291 27.26 6.48 -18.19
C ASN C 291 28.22 6.66 -19.36
N PRO C 292 27.73 7.23 -20.47
CA PRO C 292 28.64 7.59 -21.55
C PRO C 292 29.55 8.71 -21.03
N PRO C 293 30.86 8.45 -20.92
CA PRO C 293 31.78 9.39 -20.28
C PRO C 293 32.13 10.54 -21.21
C2 BGC D . -22.72 -36.09 -27.57
C3 BGC D . -22.08 -35.31 -26.57
C4 BGC D . -21.59 -33.98 -27.04
C5 BGC D . -22.42 -33.30 -28.08
C6 BGC D . -21.62 -32.29 -28.91
C1 BGC D . -23.73 -35.29 -28.33
O1 BGC D . -24.47 -36.07 -29.26
O2 BGC D . -23.39 -37.15 -26.95
O3 BGC D . -20.98 -36.06 -26.19
O4 BGC D . -21.49 -33.09 -25.92
O5 BGC D . -23.06 -34.14 -29.00
O6 BGC D . -22.12 -30.98 -28.98
C1 GAL D . -20.14 -32.88 -25.58
C2 GAL D . -20.00 -31.55 -24.85
C3 GAL D . -18.64 -31.35 -24.26
C4 GAL D . -18.16 -32.48 -23.54
C5 GAL D . -18.24 -33.72 -24.37
C6 GAL D . -17.79 -34.97 -23.67
O2 GAL D . -20.28 -30.51 -25.70
O3 GAL D . -18.75 -30.18 -23.42
O4 GAL D . -18.99 -32.70 -22.40
O5 GAL D . -19.63 -33.95 -24.86
O6 GAL D . -16.44 -35.07 -23.42
C2 BGC E . 32.87 -22.45 -30.70
C3 BGC E . 32.38 -21.26 -30.11
C4 BGC E . 32.19 -21.39 -28.64
C5 BGC E . 33.44 -21.89 -27.96
C6 BGC E . 33.25 -22.17 -26.45
C1 BGC E . 34.10 -22.96 -30.02
O1 BGC E . 34.57 -24.18 -30.58
O2 BGC E . 33.21 -22.16 -32.03
O3 BGC E . 31.15 -21.07 -30.72
O4 BGC E . 31.80 -20.15 -28.05
O5 BGC E . 33.92 -23.08 -28.55
O6 BGC E . 34.41 -22.38 -25.67
C1 GAL E . 30.40 -20.15 -27.82
C2 GAL E . 30.07 -19.51 -26.49
C3 GAL E . 28.62 -19.66 -26.20
C4 GAL E . 27.80 -19.12 -27.23
C5 GAL E . 28.19 -19.55 -28.62
C6 GAL E . 27.50 -18.72 -29.65
O2 GAL E . 30.80 -20.06 -25.45
O3 GAL E . 28.41 -18.95 -24.97
O4 GAL E . 27.93 -17.70 -27.22
O5 GAL E . 29.67 -19.56 -28.85
O6 GAL E . 27.49 -19.20 -30.94
#